data_1JWK
#
_entry.id   1JWK
#
_cell.length_a   213.479
_cell.length_b   213.479
_cell.length_c   116.222
_cell.angle_alpha   90.00
_cell.angle_beta   90.00
_cell.angle_gamma   120.00
#
_symmetry.space_group_name_H-M   'P 61 2 2'
#
loop_
_entity.id
_entity.type
_entity.pdbx_description
1 polymer 'Nitric Oxide Synthase, Inducible'
2 non-polymer 'octyl beta-D-glucopyranoside'
3 non-polymer 'PROTOPORPHYRIN IX CONTAINING FE'
4 non-polymer 7,8-DIHYDROBIOPTERIN
5 non-polymer 1,2-ETHANEDIOL
6 non-polymer GLYCEROL
7 water water
#
_entity_poly.entity_id   1
_entity_poly.type   'polypeptide(L)'
_entity_poly.pdbx_seq_one_letter_code
;LDKLHVTSTRPQYVRIKNWGSGEILHDTLHHKATSCDFTCKSKSCLGSIMNPKSLTRGPRDKPTPLEELLPHAIEFINQY
YGSFKEAKIEEHLARLEAVTKEIETTGTYQLTLDELIFATKMAWRNAPRCIGRIQWSNLQVFDARNCSTAQEMFQHICRH
ILYATNNGNIRSAITVFPQRSDGKHDFRLWNSQLIRYAGYQMPDGTIRGDAATLEFTQLCIDLGWKPRYGRFDVLPLVLQ
ADGQDPEVFEIPPDLVLEVTMEHPKYEWFQELGLKWYALPAVANMLLEVGGLEFPACPFNGWYMGTEIGVRDFCDTQRYN
ILEEVGRRMGLETHTLASLWKDRAVTEINVAVLHSFQKQNVTIMDHHTASESFMKHMQNEYRARGGCPADWIALVPPVSG
SITPVFHQEMLNYVLSPFYYYQIEPWKTHIWQNE
;
_entity_poly.pdbx_strand_id   A,B
#
loop_
_chem_comp.id
_chem_comp.type
_chem_comp.name
_chem_comp.formula
BOG D-saccharide 'octyl beta-D-glucopyranoside' 'C14 H28 O6'
EDO non-polymer 1,2-ETHANEDIOL 'C2 H6 O2'
GOL non-polymer GLYCEROL 'C3 H8 O3'
HBI non-polymer 7,8-DIHYDROBIOPTERIN 'C9 H13 N5 O3'
HEM non-polymer 'PROTOPORPHYRIN IX CONTAINING FE' 'C34 H32 Fe N4 O4'
#
# COMPACT_ATOMS: atom_id res chain seq x y z
N GLN A 12 -34.76 38.13 -26.82
CA GLN A 12 -33.39 37.74 -27.12
C GLN A 12 -32.56 37.63 -25.83
N TYR A 13 -32.35 38.77 -25.17
CA TYR A 13 -31.57 38.82 -23.93
C TYR A 13 -32.31 38.40 -22.67
N VAL A 14 -31.56 37.94 -21.68
CA VAL A 14 -32.12 37.53 -20.39
C VAL A 14 -31.81 38.65 -19.39
N ARG A 15 -32.82 39.05 -18.62
CA ARG A 15 -32.64 40.11 -17.65
C ARG A 15 -32.38 39.57 -16.24
N ILE A 16 -31.39 40.17 -15.57
CA ILE A 16 -31.04 39.78 -14.21
C ILE A 16 -31.09 41.02 -13.31
N LYS A 17 -31.61 40.84 -12.10
CA LYS A 17 -31.76 41.93 -11.16
C LYS A 17 -30.82 41.85 -9.96
N ASN A 18 -30.36 43.01 -9.52
CA ASN A 18 -29.50 43.13 -8.35
C ASN A 18 -30.42 43.71 -7.26
N TRP A 19 -31.02 42.82 -6.46
CA TRP A 19 -31.93 43.21 -5.40
C TRP A 19 -31.36 44.14 -4.34
N GLY A 20 -30.04 44.35 -4.36
CA GLY A 20 -29.43 45.25 -3.41
C GLY A 20 -29.50 46.68 -3.88
N SER A 21 -29.00 46.93 -5.09
CA SER A 21 -29.00 48.25 -5.70
C SER A 21 -30.20 48.51 -6.60
N GLY A 22 -30.92 47.45 -6.96
CA GLY A 22 -32.08 47.58 -7.83
C GLY A 22 -31.75 47.59 -9.31
N GLU A 23 -30.46 47.68 -9.62
CA GLU A 23 -29.95 47.72 -10.99
C GLU A 23 -30.33 46.49 -11.83
N ILE A 24 -30.55 46.72 -13.13
CA ILE A 24 -30.91 45.67 -14.07
C ILE A 24 -29.83 45.53 -15.14
N LEU A 25 -29.56 44.30 -15.54
CA LEU A 25 -28.56 44.02 -16.57
C LEU A 25 -29.16 43.10 -17.64
N HIS A 26 -28.69 43.25 -18.87
CA HIS A 26 -29.19 42.44 -19.99
C HIS A 26 -28.13 41.47 -20.47
N ASP A 27 -28.41 40.18 -20.34
CA ASP A 27 -27.45 39.16 -20.76
C ASP A 27 -27.68 38.65 -22.17
N THR A 28 -26.68 38.83 -23.02
CA THR A 28 -26.73 38.37 -24.41
C THR A 28 -25.61 37.37 -24.66
N LEU A 29 -24.61 37.38 -23.78
CA LEU A 29 -23.46 36.49 -23.89
C LEU A 29 -23.80 35.01 -23.85
N HIS A 30 -24.84 34.65 -23.10
CA HIS A 30 -25.26 33.25 -22.98
C HIS A 30 -25.58 32.54 -24.29
N HIS A 31 -25.78 33.32 -25.36
CA HIS A 31 -26.07 32.73 -26.67
C HIS A 31 -24.84 32.05 -27.24
N LYS A 32 -23.67 32.48 -26.77
CA LYS A 32 -22.39 31.94 -27.24
C LYS A 32 -21.94 30.71 -26.44
N ALA A 33 -22.80 30.22 -25.56
CA ALA A 33 -22.50 29.04 -24.75
C ALA A 33 -22.57 27.74 -25.53
N THR A 34 -22.12 26.65 -24.91
CA THR A 34 -22.13 25.33 -25.54
C THR A 34 -23.39 24.58 -25.15
N SER A 44 -35.13 17.95 -13.06
CA SER A 44 -34.53 18.33 -11.79
C SER A 44 -33.25 19.16 -11.98
N CYS A 45 -33.03 20.11 -11.07
CA CYS A 45 -31.86 20.97 -11.11
C CYS A 45 -30.66 20.33 -10.40
N LEU A 46 -29.59 20.14 -11.15
CA LEU A 46 -28.36 19.54 -10.62
C LEU A 46 -27.27 20.59 -10.40
N GLY A 47 -27.68 21.80 -10.01
CA GLY A 47 -26.72 22.88 -9.77
C GLY A 47 -25.95 22.75 -8.48
N SER A 48 -26.50 21.97 -7.54
CA SER A 48 -25.88 21.73 -6.24
C SER A 48 -24.77 20.68 -6.28
N ILE A 49 -24.77 19.83 -7.32
CA ILE A 49 -23.77 18.77 -7.48
C ILE A 49 -22.35 19.35 -7.59
N MET A 50 -21.44 18.76 -6.82
CA MET A 50 -20.04 19.20 -6.77
C MET A 50 -19.34 19.29 -8.13
N ASN A 51 -19.02 18.14 -8.73
CA ASN A 51 -18.36 18.11 -10.04
C ASN A 51 -19.20 17.37 -11.09
N PRO A 52 -20.20 18.05 -11.68
CA PRO A 52 -21.07 17.43 -12.69
C PRO A 52 -20.33 17.10 -13.99
N LYS A 53 -20.87 16.12 -14.71
CA LYS A 53 -20.28 15.66 -15.98
C LYS A 53 -20.27 16.76 -17.04
N SER A 54 -21.23 17.67 -16.96
CA SER A 54 -21.32 18.78 -17.92
C SER A 54 -20.10 19.70 -17.89
N LEU A 55 -19.39 19.71 -16.76
CA LEU A 55 -18.20 20.52 -16.59
C LEU A 55 -16.91 19.67 -16.60
N THR A 56 -17.06 18.37 -16.87
CA THR A 56 -15.91 17.46 -16.90
C THR A 56 -15.53 17.02 -18.32
N ARG A 57 -14.28 17.26 -18.69
CA ARG A 57 -13.78 16.86 -20.00
C ARG A 57 -12.86 15.65 -19.79
N GLY A 58 -13.37 14.47 -20.10
CA GLY A 58 -12.63 13.23 -19.90
C GLY A 58 -11.51 12.85 -20.84
N PRO A 59 -10.99 11.62 -20.70
CA PRO A 59 -9.90 11.07 -21.51
C PRO A 59 -10.32 10.69 -22.94
N ARG A 60 -9.32 10.39 -23.77
CA ARG A 60 -9.53 9.99 -25.16
C ARG A 60 -8.43 9.00 -25.54
N ASP A 61 -8.66 8.23 -26.61
CA ASP A 61 -7.66 7.27 -27.09
C ASP A 61 -7.41 7.47 -28.58
N LYS A 62 -8.02 8.50 -29.13
CA LYS A 62 -7.88 8.85 -30.53
C LYS A 62 -7.89 10.37 -30.65
N PRO A 63 -7.21 10.92 -31.67
CA PRO A 63 -7.14 12.36 -31.90
C PRO A 63 -8.53 12.96 -32.09
N THR A 64 -8.63 14.26 -31.87
CA THR A 64 -9.90 14.95 -32.04
C THR A 64 -10.29 14.93 -33.52
N PRO A 65 -11.50 14.44 -33.83
CA PRO A 65 -11.98 14.38 -35.22
C PRO A 65 -11.85 15.73 -35.89
N LEU A 66 -11.29 15.76 -37.10
CA LEU A 66 -11.10 17.01 -37.82
C LEU A 66 -12.37 17.83 -38.02
N GLU A 67 -13.52 17.17 -38.14
CA GLU A 67 -14.80 17.86 -38.33
C GLU A 67 -15.05 18.79 -37.15
N GLU A 68 -14.66 18.32 -35.97
CA GLU A 68 -14.83 19.07 -34.74
C GLU A 68 -13.72 20.09 -34.54
N LEU A 69 -12.48 19.67 -34.79
CA LEU A 69 -11.32 20.54 -34.62
C LEU A 69 -11.28 21.82 -35.44
N LEU A 70 -11.32 21.70 -36.76
CA LEU A 70 -11.24 22.88 -37.61
C LEU A 70 -12.19 24.02 -37.27
N PRO A 71 -13.50 23.73 -37.12
CA PRO A 71 -14.48 24.77 -36.78
C PRO A 71 -14.17 25.48 -35.47
N HIS A 72 -13.77 24.70 -34.46
CA HIS A 72 -13.42 25.25 -33.15
C HIS A 72 -12.16 26.10 -33.24
N ALA A 73 -11.21 25.68 -34.09
CA ALA A 73 -9.98 26.41 -34.26
C ALA A 73 -10.22 27.75 -34.96
N ILE A 74 -11.07 27.73 -36.00
CA ILE A 74 -11.41 28.92 -36.76
C ILE A 74 -12.11 29.91 -35.84
N GLU A 75 -13.06 29.40 -35.07
CA GLU A 75 -13.83 30.20 -34.12
C GLU A 75 -12.91 30.93 -33.14
N PHE A 76 -11.91 30.22 -32.62
CA PHE A 76 -10.96 30.80 -31.68
C PHE A 76 -10.04 31.82 -32.35
N ILE A 77 -9.57 31.53 -33.55
CA ILE A 77 -8.70 32.47 -34.25
C ILE A 77 -9.45 33.78 -34.51
N ASN A 78 -10.74 33.66 -34.85
CA ASN A 78 -11.57 34.83 -35.09
C ASN A 78 -11.72 35.62 -33.80
N GLN A 79 -11.90 34.90 -32.69
CA GLN A 79 -12.04 35.53 -31.38
C GLN A 79 -10.75 36.27 -31.02
N TYR A 80 -9.62 35.61 -31.25
CA TYR A 80 -8.31 36.17 -30.95
C TYR A 80 -8.11 37.51 -31.65
N TYR A 81 -8.27 37.52 -32.98
CA TYR A 81 -8.10 38.75 -33.74
C TYR A 81 -9.20 39.79 -33.51
N GLY A 82 -10.40 39.31 -33.17
CA GLY A 82 -11.50 40.22 -32.93
C GLY A 82 -11.37 40.96 -31.61
N SER A 83 -10.42 40.53 -30.77
CA SER A 83 -10.21 41.16 -29.48
C SER A 83 -9.28 42.37 -29.51
N PHE A 84 -8.61 42.58 -30.64
CA PHE A 84 -7.69 43.71 -30.78
C PHE A 84 -8.43 45.03 -31.00
N LYS A 85 -7.85 46.11 -30.47
CA LYS A 85 -8.43 47.45 -30.62
C LYS A 85 -8.21 47.85 -32.09
N GLU A 86 -6.97 47.70 -32.54
CA GLU A 86 -6.59 47.99 -33.92
C GLU A 86 -6.68 46.69 -34.71
N ALA A 87 -7.74 46.53 -35.48
CA ALA A 87 -7.94 45.32 -36.27
C ALA A 87 -6.76 45.06 -37.21
N LYS A 88 -6.41 43.79 -37.35
CA LYS A 88 -5.31 43.38 -38.22
C LYS A 88 -5.77 42.26 -39.15
N ILE A 89 -6.66 42.61 -40.07
CA ILE A 89 -7.24 41.67 -41.03
C ILE A 89 -6.19 40.99 -41.91
N GLU A 90 -5.10 41.71 -42.20
CA GLU A 90 -4.03 41.17 -43.04
C GLU A 90 -3.43 39.93 -42.37
N GLU A 91 -3.08 40.06 -41.09
CA GLU A 91 -2.50 38.96 -40.32
C GLU A 91 -3.57 37.92 -39.94
N HIS A 92 -4.80 38.38 -39.77
CA HIS A 92 -5.92 37.51 -39.41
C HIS A 92 -6.16 36.46 -40.48
N LEU A 93 -6.31 36.89 -41.73
CA LEU A 93 -6.54 35.96 -42.84
C LEU A 93 -5.38 34.99 -42.98
N ALA A 94 -4.16 35.50 -42.83
CA ALA A 94 -2.97 34.68 -42.92
C ALA A 94 -2.98 33.58 -41.87
N ARG A 95 -3.36 33.93 -40.64
CA ARG A 95 -3.42 32.95 -39.56
C ARG A 95 -4.48 31.89 -39.80
N LEU A 96 -5.66 32.31 -40.25
CA LEU A 96 -6.74 31.37 -40.54
C LEU A 96 -6.28 30.31 -41.54
N GLU A 97 -5.55 30.76 -42.55
CA GLU A 97 -5.02 29.89 -43.60
C GLU A 97 -3.98 28.93 -43.06
N ALA A 98 -3.02 29.46 -42.31
CA ALA A 98 -1.94 28.66 -41.74
C ALA A 98 -2.44 27.58 -40.78
N VAL A 99 -3.42 27.92 -39.96
CA VAL A 99 -3.99 26.97 -39.01
C VAL A 99 -4.66 25.83 -39.78
N THR A 100 -5.39 26.20 -40.83
CA THR A 100 -6.09 25.23 -41.67
C THR A 100 -5.07 24.27 -42.26
N LYS A 101 -3.99 24.80 -42.84
CA LYS A 101 -2.95 23.98 -43.45
C LYS A 101 -2.29 23.07 -42.43
N GLU A 102 -2.04 23.60 -41.23
CA GLU A 102 -1.39 22.81 -40.18
C GLU A 102 -2.26 21.64 -39.76
N ILE A 103 -3.57 21.87 -39.62
CA ILE A 103 -4.51 20.82 -39.22
C ILE A 103 -4.61 19.80 -40.37
N GLU A 104 -4.54 20.35 -41.58
CA GLU A 104 -4.61 19.59 -42.82
C GLU A 104 -3.42 18.64 -42.95
N THR A 105 -2.23 19.13 -42.64
CA THR A 105 -0.99 18.35 -42.75
C THR A 105 -0.51 17.62 -41.50
N THR A 106 -0.98 18.02 -40.32
CA THR A 106 -0.54 17.36 -39.08
C THR A 106 -1.63 16.70 -38.26
N GLY A 107 -2.87 17.17 -38.42
CA GLY A 107 -3.99 16.60 -37.69
C GLY A 107 -4.34 17.39 -36.43
N THR A 108 -3.59 18.46 -36.18
CA THR A 108 -3.79 19.32 -35.02
C THR A 108 -3.09 20.63 -35.33
N TYR A 109 -2.86 21.47 -34.32
CA TYR A 109 -2.16 22.73 -34.54
C TYR A 109 -1.57 23.30 -33.26
N GLN A 110 -0.61 24.21 -33.43
CA GLN A 110 0.05 24.84 -32.31
C GLN A 110 -0.38 26.29 -32.18
N LEU A 111 -0.68 26.71 -30.96
CA LEU A 111 -1.07 28.09 -30.72
C LEU A 111 0.19 28.92 -30.61
N THR A 112 0.09 30.20 -30.92
CA THR A 112 1.23 31.09 -30.77
C THR A 112 1.26 31.45 -29.29
N LEU A 113 2.39 31.95 -28.80
CA LEU A 113 2.52 32.32 -27.39
C LEU A 113 1.40 33.31 -27.02
N ASP A 114 1.21 34.32 -27.86
CA ASP A 114 0.19 35.34 -27.63
C ASP A 114 -1.22 34.77 -27.60
N GLU A 115 -1.49 33.78 -28.46
CA GLU A 115 -2.79 33.14 -28.50
C GLU A 115 -3.04 32.36 -27.22
N LEU A 116 -2.00 31.68 -26.72
CA LEU A 116 -2.09 30.91 -25.50
C LEU A 116 -2.34 31.85 -24.31
N ILE A 117 -1.54 32.91 -24.23
CA ILE A 117 -1.68 33.91 -23.18
C ILE A 117 -3.13 34.39 -23.20
N PHE A 118 -3.63 34.70 -24.40
CA PHE A 118 -5.00 35.17 -24.57
C PHE A 118 -5.99 34.11 -24.07
N ALA A 119 -5.74 32.86 -24.44
CA ALA A 119 -6.59 31.74 -24.04
C ALA A 119 -6.67 31.51 -22.53
N THR A 120 -5.53 31.61 -21.85
CA THR A 120 -5.50 31.40 -20.41
C THR A 120 -6.28 32.48 -19.66
N LYS A 121 -6.14 33.72 -20.11
CA LYS A 121 -6.85 34.83 -19.48
C LYS A 121 -8.36 34.74 -19.74
N MET A 122 -8.73 34.46 -21.00
CA MET A 122 -10.14 34.34 -21.36
C MET A 122 -10.78 33.18 -20.61
N ALA A 123 -10.05 32.06 -20.50
CA ALA A 123 -10.56 30.90 -19.79
C ALA A 123 -10.82 31.27 -18.33
N TRP A 124 -9.91 32.07 -17.77
CA TRP A 124 -10.04 32.55 -16.39
C TRP A 124 -11.28 33.44 -16.37
N ARG A 125 -11.32 34.38 -17.31
CA ARG A 125 -12.43 35.30 -17.44
C ARG A 125 -13.75 34.53 -17.54
N ASN A 126 -13.69 33.31 -18.08
CA ASN A 126 -14.85 32.44 -18.27
C ASN A 126 -15.10 31.42 -17.15
N ALA A 127 -14.39 31.54 -16.03
CA ALA A 127 -14.58 30.59 -14.93
C ALA A 127 -15.73 31.08 -14.03
N PRO A 128 -16.91 30.46 -14.15
CA PRO A 128 -18.11 30.82 -13.38
C PRO A 128 -18.00 30.73 -11.86
N ARG A 129 -17.08 29.90 -11.37
CA ARG A 129 -16.92 29.72 -9.94
C ARG A 129 -15.84 30.61 -9.31
N CYS A 130 -15.19 31.44 -10.13
CA CYS A 130 -14.13 32.31 -9.63
C CYS A 130 -14.56 33.73 -9.25
N ILE A 131 -14.30 34.09 -8.00
CA ILE A 131 -14.65 35.41 -7.48
C ILE A 131 -13.56 36.45 -7.69
N GLY A 132 -12.35 36.02 -8.04
CA GLY A 132 -11.24 36.95 -8.23
C GLY A 132 -11.02 37.36 -9.68
N ARG A 133 -12.05 37.18 -10.50
CA ARG A 133 -11.97 37.50 -11.92
C ARG A 133 -11.70 38.95 -12.34
N ILE A 134 -11.69 39.90 -11.41
CA ILE A 134 -11.40 41.27 -11.81
C ILE A 134 -9.91 41.36 -12.18
N GLN A 135 -9.15 40.38 -11.71
CA GLN A 135 -7.71 40.30 -11.97
C GLN A 135 -7.35 39.55 -13.26
N TRP A 136 -8.36 39.09 -14.01
CA TRP A 136 -8.16 38.32 -15.24
C TRP A 136 -7.04 38.74 -16.21
N SER A 137 -6.75 40.03 -16.31
CA SER A 137 -5.72 40.46 -17.23
C SER A 137 -4.28 40.39 -16.67
N ASN A 138 -4.14 40.27 -15.36
CA ASN A 138 -2.81 40.16 -14.73
C ASN A 138 -2.50 38.68 -14.53
N LEU A 139 -1.85 38.05 -15.51
CA LEU A 139 -1.52 36.64 -15.43
C LEU A 139 -0.22 36.26 -16.13
N GLN A 140 0.73 35.76 -15.37
CA GLN A 140 2.00 35.32 -15.91
C GLN A 140 1.78 33.93 -16.52
N VAL A 141 2.25 33.74 -17.73
CA VAL A 141 2.08 32.47 -18.41
C VAL A 141 3.41 31.78 -18.69
N PHE A 142 3.59 30.60 -18.13
CA PHE A 142 4.81 29.83 -18.35
C PHE A 142 4.55 28.78 -19.42
N ASP A 143 5.22 28.93 -20.55
CA ASP A 143 5.07 28.01 -21.66
C ASP A 143 5.96 26.78 -21.53
N ALA A 144 5.36 25.68 -21.09
CA ALA A 144 6.08 24.43 -20.93
C ALA A 144 5.60 23.39 -21.94
N ARG A 145 5.18 23.84 -23.11
CA ARG A 145 4.70 22.93 -24.15
C ARG A 145 5.78 22.05 -24.79
N ASN A 146 7.05 22.35 -24.50
CA ASN A 146 8.17 21.57 -25.03
C ASN A 146 8.65 20.53 -24.02
N CYS A 147 7.97 20.46 -22.88
CA CYS A 147 8.29 19.52 -21.81
C CYS A 147 8.18 18.08 -22.31
N SER A 148 8.88 17.15 -21.68
CA SER A 148 8.78 15.75 -22.08
C SER A 148 8.94 14.71 -20.98
N THR A 149 9.59 15.07 -19.88
CA THR A 149 9.78 14.12 -18.78
C THR A 149 9.15 14.60 -17.48
N ALA A 150 8.96 13.67 -16.54
CA ALA A 150 8.38 13.99 -15.24
C ALA A 150 9.31 14.92 -14.48
N GLN A 151 10.62 14.71 -14.64
CA GLN A 151 11.63 15.55 -13.99
C GLN A 151 11.51 16.99 -14.47
N GLU A 152 11.27 17.15 -15.76
CA GLU A 152 11.12 18.47 -16.36
C GLU A 152 9.85 19.15 -15.85
N MET A 153 8.78 18.37 -15.70
CA MET A 153 7.52 18.89 -15.19
C MET A 153 7.79 19.46 -13.80
N PHE A 154 8.49 18.67 -13.00
CA PHE A 154 8.85 19.03 -11.63
C PHE A 154 9.60 20.36 -11.57
N GLN A 155 10.54 20.55 -12.50
CA GLN A 155 11.34 21.77 -12.56
C GLN A 155 10.45 22.97 -12.88
N HIS A 156 9.53 22.81 -13.84
CA HIS A 156 8.62 23.88 -14.23
C HIS A 156 7.72 24.26 -13.05
N ILE A 157 7.18 23.26 -12.37
CA ILE A 157 6.31 23.49 -11.23
C ILE A 157 7.05 24.26 -10.14
N CYS A 158 8.29 23.85 -9.86
CA CYS A 158 9.09 24.53 -8.85
C CYS A 158 9.31 25.99 -9.21
N ARG A 159 9.61 26.25 -10.49
CA ARG A 159 9.82 27.60 -10.94
C ARG A 159 8.52 28.41 -10.76
N HIS A 160 7.39 27.76 -11.04
CA HIS A 160 6.08 28.38 -10.92
C HIS A 160 5.82 28.74 -9.46
N ILE A 161 5.95 27.75 -8.57
CA ILE A 161 5.74 27.95 -7.14
C ILE A 161 6.58 29.14 -6.64
N LEU A 162 7.83 29.15 -7.04
CA LEU A 162 8.77 30.20 -6.64
C LEU A 162 8.34 31.58 -7.15
N TYR A 163 8.01 31.67 -8.44
CA TYR A 163 7.58 32.93 -9.03
C TYR A 163 6.32 33.44 -8.37
N ALA A 164 5.32 32.54 -8.27
CA ALA A 164 4.03 32.86 -7.70
C ALA A 164 4.08 33.29 -6.25
N THR A 165 4.90 32.59 -5.45
CA THR A 165 5.01 32.89 -4.04
C THR A 165 5.63 34.27 -3.80
N ASN A 166 6.74 34.51 -4.48
CA ASN A 166 7.45 35.79 -4.40
C ASN A 166 7.59 36.33 -2.97
N ASN A 167 7.90 35.44 -2.05
CA ASN A 167 8.10 35.76 -0.63
C ASN A 167 6.93 36.49 0.05
N GLY A 168 5.70 36.07 -0.28
CA GLY A 168 4.53 36.68 0.32
C GLY A 168 3.75 37.60 -0.61
N ASN A 169 4.45 38.24 -1.53
CA ASN A 169 3.80 39.13 -2.47
C ASN A 169 3.31 38.26 -3.64
N ILE A 170 2.22 37.54 -3.38
CA ILE A 170 1.65 36.61 -4.35
C ILE A 170 1.34 37.17 -5.74
N ARG A 171 1.72 36.39 -6.75
CA ARG A 171 1.49 36.74 -8.16
C ARG A 171 0.75 35.59 -8.84
N SER A 172 -0.27 35.93 -9.62
CA SER A 172 -1.06 34.95 -10.34
C SER A 172 -0.24 34.42 -11.51
N ALA A 173 -0.27 33.10 -11.69
CA ALA A 173 0.48 32.50 -12.78
C ALA A 173 -0.08 31.16 -13.16
N ILE A 174 0.26 30.73 -14.37
CA ILE A 174 -0.19 29.45 -14.88
C ILE A 174 0.93 28.85 -15.73
N THR A 175 1.05 27.53 -15.68
CA THR A 175 2.06 26.82 -16.45
C THR A 175 1.33 25.87 -17.38
N VAL A 176 1.56 26.04 -18.67
CA VAL A 176 0.91 25.22 -19.67
C VAL A 176 1.83 24.11 -20.18
N PHE A 177 1.46 22.87 -19.88
CA PHE A 177 2.23 21.71 -20.33
C PHE A 177 1.75 21.30 -21.73
N PRO A 178 2.41 20.32 -22.37
CA PRO A 178 1.99 19.89 -23.72
C PRO A 178 0.51 19.55 -23.87
N GLN A 179 -0.06 19.90 -25.02
CA GLN A 179 -1.46 19.62 -25.30
C GLN A 179 -1.67 18.14 -25.58
N ARG A 180 -2.89 17.67 -25.38
CA ARG A 180 -3.25 16.28 -25.63
C ARG A 180 -3.14 16.01 -27.13
N SER A 181 -2.49 14.91 -27.49
CA SER A 181 -2.32 14.54 -28.90
C SER A 181 -3.36 13.51 -29.31
N ASP A 182 -3.24 12.30 -28.78
CA ASP A 182 -4.17 11.23 -29.09
C ASP A 182 -4.88 10.76 -27.82
N GLY A 183 -4.48 11.33 -26.69
CA GLY A 183 -5.08 10.97 -25.42
C GLY A 183 -4.32 9.85 -24.73
N LYS A 184 -3.32 9.30 -25.43
CA LYS A 184 -2.51 8.22 -24.87
C LYS A 184 -1.22 8.77 -24.25
N HIS A 185 -0.92 10.03 -24.51
CA HIS A 185 0.30 10.66 -24.00
C HIS A 185 0.04 11.94 -23.20
N ASP A 186 -1.00 11.90 -22.38
CA ASP A 186 -1.37 13.05 -21.55
C ASP A 186 -0.41 13.37 -20.43
N PHE A 187 -0.22 14.68 -20.20
CA PHE A 187 0.59 15.18 -19.11
C PHE A 187 -0.46 15.44 -18.04
N ARG A 188 -0.23 14.97 -16.82
CA ARG A 188 -1.21 15.16 -15.76
C ARG A 188 -0.59 15.31 -14.38
N LEU A 189 -1.19 16.15 -13.56
CA LEU A 189 -0.78 16.34 -12.19
C LEU A 189 -1.87 15.60 -11.42
N TRP A 190 -1.49 14.55 -10.70
CA TRP A 190 -2.47 13.76 -9.96
C TRP A 190 -3.00 14.48 -8.74
N ASN A 191 -2.26 15.49 -8.29
CA ASN A 191 -2.64 16.31 -7.14
C ASN A 191 -3.82 17.22 -7.46
N SER A 192 -4.62 17.54 -6.45
CA SER A 192 -5.75 18.43 -6.66
C SER A 192 -5.21 19.86 -6.66
N GLN A 193 -4.24 20.10 -5.77
CA GLN A 193 -3.60 21.41 -5.61
C GLN A 193 -2.09 21.20 -5.62
N LEU A 194 -1.36 22.28 -5.89
CA LEU A 194 0.10 22.21 -5.90
C LEU A 194 0.63 22.01 -4.48
N ILE A 195 0.05 22.73 -3.52
CA ILE A 195 0.44 22.64 -2.11
C ILE A 195 -0.77 22.17 -1.34
N ARG A 196 -0.60 21.09 -0.57
CA ARG A 196 -1.69 20.51 0.19
C ARG A 196 -1.09 19.66 1.31
N TYR A 197 -1.75 19.64 2.46
CA TYR A 197 -1.28 18.86 3.60
C TYR A 197 -1.78 17.43 3.58
N ALA A 198 -1.00 16.51 4.12
CA ALA A 198 -1.37 15.10 4.17
C ALA A 198 -2.30 14.77 5.32
N GLY A 199 -2.99 13.65 5.18
CA GLY A 199 -3.91 13.18 6.21
C GLY A 199 -3.52 11.75 6.57
N TYR A 200 -3.39 11.47 7.86
CA TYR A 200 -3.00 10.14 8.32
C TYR A 200 -3.97 9.50 9.28
N GLN A 201 -4.22 8.21 9.06
CA GLN A 201 -5.08 7.43 9.96
C GLN A 201 -4.05 6.91 10.97
N MET A 202 -4.16 7.34 12.22
CA MET A 202 -3.22 6.93 13.25
C MET A 202 -3.56 5.58 13.90
N PRO A 203 -2.58 4.97 14.59
CA PRO A 203 -2.74 3.69 15.27
C PRO A 203 -3.88 3.69 16.31
N ASP A 204 -4.03 4.80 17.03
CA ASP A 204 -5.07 4.91 18.06
C ASP A 204 -6.47 5.21 17.50
N GLY A 205 -6.60 5.25 16.18
CA GLY A 205 -7.88 5.51 15.56
C GLY A 205 -8.16 6.95 15.14
N THR A 206 -7.44 7.90 15.72
CA THR A 206 -7.63 9.32 15.39
C THR A 206 -7.00 9.67 14.04
N ILE A 207 -7.47 10.76 13.45
CA ILE A 207 -6.95 11.23 12.17
C ILE A 207 -6.02 12.41 12.38
N ARG A 208 -4.85 12.38 11.78
CA ARG A 208 -3.91 13.48 11.92
C ARG A 208 -3.73 14.19 10.59
N GLY A 209 -3.74 15.52 10.65
CA GLY A 209 -3.58 16.32 9.45
C GLY A 209 -4.89 16.55 8.73
N ASP A 210 -4.82 16.66 7.41
CA ASP A 210 -6.00 16.90 6.59
C ASP A 210 -6.78 15.64 6.27
N ALA A 211 -7.85 15.42 7.03
CA ALA A 211 -8.72 14.25 6.87
C ALA A 211 -9.23 14.07 5.44
N ALA A 212 -9.27 15.15 4.67
CA ALA A 212 -9.74 15.07 3.29
C ALA A 212 -8.73 14.47 2.33
N THR A 213 -7.48 14.36 2.74
CA THR A 213 -6.45 13.80 1.87
C THR A 213 -5.97 12.39 2.23
N LEU A 214 -6.77 11.66 3.00
CA LEU A 214 -6.41 10.31 3.42
C LEU A 214 -6.05 9.36 2.27
N GLU A 215 -6.96 9.19 1.33
CA GLU A 215 -6.75 8.31 0.19
C GLU A 215 -5.53 8.70 -0.67
N PHE A 216 -5.43 9.99 -1.00
CA PHE A 216 -4.31 10.45 -1.82
C PHE A 216 -2.98 10.34 -1.08
N THR A 217 -3.00 10.55 0.23
CA THR A 217 -1.79 10.44 1.05
C THR A 217 -1.28 9.00 0.95
N GLN A 218 -2.21 8.06 1.09
CA GLN A 218 -1.89 6.64 1.00
C GLN A 218 -1.27 6.31 -0.36
N LEU A 219 -1.81 6.92 -1.41
CA LEU A 219 -1.31 6.70 -2.77
C LEU A 219 0.15 7.10 -2.86
N CYS A 220 0.47 8.28 -2.33
CA CYS A 220 1.83 8.78 -2.32
C CYS A 220 2.74 7.80 -1.59
N ILE A 221 2.22 7.22 -0.50
CA ILE A 221 2.94 6.25 0.30
C ILE A 221 3.18 4.99 -0.52
N ASP A 222 2.15 4.56 -1.24
CA ASP A 222 2.26 3.37 -2.07
C ASP A 222 3.29 3.57 -3.17
N LEU A 223 3.45 4.80 -3.62
CA LEU A 223 4.40 5.13 -4.68
C LEU A 223 5.82 5.39 -4.21
N GLY A 224 6.06 5.34 -2.90
CA GLY A 224 7.40 5.53 -2.39
C GLY A 224 7.62 6.62 -1.35
N TRP A 225 6.73 7.62 -1.33
CA TRP A 225 6.84 8.73 -0.38
C TRP A 225 6.85 8.27 1.08
N LYS A 226 7.65 8.94 1.90
CA LYS A 226 7.75 8.59 3.32
C LYS A 226 6.88 9.48 4.20
N PRO A 227 5.90 8.89 4.89
CA PRO A 227 4.97 9.60 5.78
C PRO A 227 5.69 10.15 7.00
N ARG A 228 5.43 11.42 7.31
CA ARG A 228 6.07 12.05 8.46
C ARG A 228 5.13 12.21 9.65
N TYR A 229 3.90 11.73 9.48
CA TYR A 229 2.86 11.75 10.52
C TYR A 229 2.67 13.05 11.32
N GLY A 230 2.79 14.19 10.63
CA GLY A 230 2.60 15.48 11.29
C GLY A 230 1.24 16.07 10.94
N ARG A 231 0.88 17.17 11.57
CA ARG A 231 -0.40 17.82 11.29
C ARG A 231 -0.38 18.61 9.99
N PHE A 232 0.82 19.06 9.59
CA PHE A 232 0.94 19.85 8.38
C PHE A 232 2.09 19.42 7.46
N ASP A 233 2.01 18.19 6.97
CA ASP A 233 3.03 17.66 6.08
C ASP A 233 2.65 17.94 4.63
N VAL A 234 3.47 18.75 3.95
CA VAL A 234 3.22 19.08 2.55
C VAL A 234 3.37 17.84 1.70
N LEU A 235 2.29 17.47 1.01
CA LEU A 235 2.29 16.31 0.14
C LEU A 235 3.22 16.49 -1.05
N PRO A 236 3.67 15.38 -1.64
CA PRO A 236 4.56 15.44 -2.79
C PRO A 236 3.79 15.57 -4.10
N LEU A 237 4.48 16.07 -5.12
CA LEU A 237 3.89 16.21 -6.44
C LEU A 237 3.93 14.83 -7.10
N VAL A 238 2.77 14.38 -7.58
CA VAL A 238 2.64 13.10 -8.24
C VAL A 238 2.45 13.45 -9.71
N LEU A 239 3.55 13.38 -10.46
CA LEU A 239 3.53 13.78 -11.86
C LEU A 239 3.53 12.69 -12.93
N GLN A 240 2.63 12.85 -13.88
CA GLN A 240 2.46 11.95 -15.00
C GLN A 240 2.86 12.70 -16.26
N ALA A 241 3.89 12.22 -16.95
CA ALA A 241 4.36 12.85 -18.18
C ALA A 241 4.28 11.88 -19.36
N ASP A 242 3.85 12.42 -20.52
CA ASP A 242 3.72 11.65 -21.75
C ASP A 242 2.94 10.34 -21.60
N GLY A 243 1.92 10.34 -20.75
CA GLY A 243 1.11 9.16 -20.56
C GLY A 243 1.68 8.02 -19.73
N GLN A 244 2.91 8.17 -19.25
CA GLN A 244 3.53 7.12 -18.44
C GLN A 244 3.14 7.18 -16.97
N ASP A 245 3.51 6.12 -16.23
CA ASP A 245 3.23 6.02 -14.81
C ASP A 245 3.68 7.26 -14.07
N PRO A 246 2.90 7.69 -13.06
CA PRO A 246 3.24 8.87 -12.26
C PRO A 246 4.46 8.68 -11.36
N GLU A 247 5.26 9.73 -11.24
CA GLU A 247 6.45 9.70 -10.40
C GLU A 247 6.28 10.70 -9.26
N VAL A 248 6.80 10.35 -8.09
CA VAL A 248 6.71 11.18 -6.89
C VAL A 248 7.89 12.15 -6.79
N PHE A 249 7.61 13.36 -6.31
CA PHE A 249 8.64 14.39 -6.13
C PHE A 249 8.30 15.25 -4.92
N GLU A 250 9.16 15.20 -3.89
CA GLU A 250 8.96 16.00 -2.69
C GLU A 250 9.15 17.46 -3.07
N ILE A 251 8.26 18.32 -2.60
CA ILE A 251 8.41 19.74 -2.91
C ILE A 251 9.48 20.27 -1.97
N PRO A 252 10.49 20.96 -2.52
CA PRO A 252 11.57 21.52 -1.70
C PRO A 252 10.99 22.52 -0.71
N PRO A 253 11.14 22.24 0.60
CA PRO A 253 10.63 23.07 1.69
C PRO A 253 10.83 24.59 1.59
N ASP A 254 11.99 25.03 1.10
CA ASP A 254 12.24 26.46 0.95
C ASP A 254 11.20 27.14 0.07
N LEU A 255 10.62 26.36 -0.86
CA LEU A 255 9.61 26.88 -1.78
C LEU A 255 8.22 26.99 -1.17
N VAL A 256 7.98 26.29 -0.08
CA VAL A 256 6.66 26.33 0.55
C VAL A 256 6.56 27.34 1.69
N LEU A 257 5.99 28.50 1.37
CA LEU A 257 5.81 29.56 2.35
C LEU A 257 4.54 29.29 3.17
N GLU A 258 4.67 29.37 4.49
CA GLU A 258 3.54 29.15 5.37
C GLU A 258 3.32 30.36 6.30
N VAL A 259 2.13 30.43 6.89
CA VAL A 259 1.77 31.51 7.79
C VAL A 259 1.33 30.89 9.12
N THR A 260 1.97 31.30 10.21
CA THR A 260 1.62 30.80 11.54
C THR A 260 0.39 31.57 12.02
N MET A 261 -0.63 30.86 12.48
CA MET A 261 -1.86 31.52 12.93
C MET A 261 -1.80 32.11 14.33
N GLU A 262 -2.05 33.41 14.40
CA GLU A 262 -2.08 34.16 15.65
C GLU A 262 -3.33 35.04 15.65
N HIS A 263 -3.86 35.31 16.83
CA HIS A 263 -5.02 36.18 16.96
C HIS A 263 -4.52 37.50 17.55
N PRO A 264 -5.05 38.63 17.06
CA PRO A 264 -4.63 39.94 17.55
C PRO A 264 -4.98 40.23 19.01
N LYS A 265 -5.90 39.46 19.57
CA LYS A 265 -6.33 39.65 20.96
C LYS A 265 -6.12 38.44 21.86
N TYR A 266 -6.43 37.26 21.35
CA TYR A 266 -6.29 36.02 22.12
C TYR A 266 -4.88 35.44 21.99
N GLU A 267 -4.09 35.56 23.07
CA GLU A 267 -2.74 35.02 23.06
C GLU A 267 -2.74 33.51 22.98
N TRP A 268 -3.82 32.89 23.46
CA TRP A 268 -3.95 31.44 23.44
C TRP A 268 -4.16 30.87 22.05
N PHE A 269 -4.44 31.74 21.07
CA PHE A 269 -4.68 31.27 19.72
C PHE A 269 -3.47 30.58 19.12
N GLN A 270 -2.28 31.14 19.32
CA GLN A 270 -1.07 30.53 18.78
C GLN A 270 -0.78 29.19 19.44
N GLU A 271 -1.36 28.96 20.62
CA GLU A 271 -1.19 27.70 21.35
C GLU A 271 -1.90 26.56 20.62
N LEU A 272 -2.71 26.90 19.62
CA LEU A 272 -3.43 25.90 18.84
C LEU A 272 -2.48 25.24 17.84
N GLY A 273 -1.36 25.91 17.59
CA GLY A 273 -0.34 25.40 16.67
C GLY A 273 -0.79 25.28 15.22
N LEU A 274 -1.66 26.19 14.79
CA LEU A 274 -2.17 26.15 13.43
C LEU A 274 -1.35 26.99 12.47
N LYS A 275 -1.41 26.61 11.20
CA LYS A 275 -0.73 27.32 10.13
C LYS A 275 -1.31 26.86 8.80
N TRP A 276 -0.99 27.58 7.74
CA TRP A 276 -1.46 27.20 6.42
C TRP A 276 -0.51 27.71 5.37
N TYR A 277 -0.52 27.08 4.20
CA TYR A 277 0.34 27.51 3.12
C TYR A 277 -0.24 28.77 2.50
N ALA A 278 0.62 29.59 1.93
CA ALA A 278 0.18 30.85 1.34
C ALA A 278 -0.25 30.75 -0.11
N LEU A 279 0.13 29.67 -0.78
CA LEU A 279 -0.17 29.54 -2.19
C LEU A 279 -1.33 28.65 -2.59
N PRO A 280 -2.43 29.25 -3.09
CA PRO A 280 -3.60 28.48 -3.52
C PRO A 280 -3.38 28.19 -5.00
N ALA A 281 -3.19 26.91 -5.34
CA ALA A 281 -2.96 26.55 -6.74
C ALA A 281 -3.72 25.32 -7.17
N VAL A 282 -4.59 25.49 -8.16
CA VAL A 282 -5.39 24.38 -8.69
C VAL A 282 -4.47 23.62 -9.64
N ALA A 283 -4.28 22.33 -9.37
CA ALA A 283 -3.36 21.54 -10.17
C ALA A 283 -3.91 20.58 -11.19
N ASN A 284 -5.17 20.18 -11.03
CA ASN A 284 -5.77 19.16 -11.89
C ASN A 284 -6.79 19.50 -12.97
N MET A 285 -6.92 20.77 -13.34
CA MET A 285 -7.91 21.12 -14.37
C MET A 285 -7.40 21.06 -15.81
N LEU A 286 -8.33 21.06 -16.75
CA LEU A 286 -8.02 21.00 -18.17
C LEU A 286 -8.40 22.28 -18.91
N LEU A 287 -7.45 22.81 -19.67
CA LEU A 287 -7.67 24.02 -20.45
C LEU A 287 -8.11 23.71 -21.87
N GLU A 288 -9.35 24.07 -22.20
CA GLU A 288 -9.88 23.86 -23.55
C GLU A 288 -9.82 25.17 -24.29
N VAL A 289 -9.26 25.15 -25.50
CA VAL A 289 -9.17 26.35 -26.32
C VAL A 289 -9.07 25.98 -27.79
N GLY A 290 -10.00 26.50 -28.59
CA GLY A 290 -10.02 26.26 -30.02
C GLY A 290 -9.91 24.80 -30.43
N GLY A 291 -10.63 23.93 -29.73
CA GLY A 291 -10.59 22.52 -30.05
C GLY A 291 -9.44 21.78 -29.43
N LEU A 292 -8.48 22.52 -28.89
CA LEU A 292 -7.32 21.90 -28.24
C LEU A 292 -7.58 21.67 -26.75
N GLU A 293 -6.89 20.68 -26.19
CA GLU A 293 -7.03 20.34 -24.77
C GLU A 293 -5.67 20.23 -24.09
N PHE A 294 -5.48 20.97 -23.00
CA PHE A 294 -4.24 20.94 -22.22
C PHE A 294 -4.59 20.34 -20.86
N PRO A 295 -4.44 19.01 -20.73
CA PRO A 295 -4.73 18.24 -19.52
C PRO A 295 -3.90 18.60 -18.29
N ALA A 296 -2.83 19.36 -18.50
CA ALA A 296 -1.97 19.78 -17.41
C ALA A 296 -1.65 21.27 -17.55
N CYS A 297 -2.23 22.05 -16.65
CA CYS A 297 -2.06 23.50 -16.64
C CYS A 297 -2.36 24.05 -15.25
N PRO A 298 -1.45 23.80 -14.29
CA PRO A 298 -1.68 24.31 -12.93
C PRO A 298 -1.67 25.84 -12.90
N PHE A 299 -2.53 26.42 -12.07
CA PHE A 299 -2.60 27.86 -11.97
C PHE A 299 -2.87 28.31 -10.55
N ASN A 300 -2.54 29.56 -10.26
CA ASN A 300 -2.75 30.08 -8.93
C ASN A 300 -3.11 31.57 -8.91
N GLY A 301 -3.66 31.99 -7.78
CA GLY A 301 -4.01 33.37 -7.52
C GLY A 301 -3.57 33.54 -6.09
N TRP A 302 -4.30 34.34 -5.31
CA TRP A 302 -4.01 34.49 -3.89
C TRP A 302 -5.25 34.07 -3.13
N TYR A 303 -5.08 33.75 -1.85
CA TYR A 303 -6.17 33.28 -0.99
C TYR A 303 -7.24 34.29 -0.59
N MET A 304 -8.44 33.77 -0.38
CA MET A 304 -9.54 34.58 0.12
C MET A 304 -9.67 34.00 1.52
N GLY A 305 -9.57 34.85 2.53
CA GLY A 305 -9.63 34.44 3.93
C GLY A 305 -10.52 33.28 4.36
N THR A 306 -11.79 33.33 3.96
CA THR A 306 -12.74 32.30 4.34
C THR A 306 -12.39 30.89 3.87
N GLU A 307 -11.55 30.78 2.84
CA GLU A 307 -11.14 29.48 2.34
C GLU A 307 -10.42 28.68 3.44
N ILE A 308 -9.54 29.38 4.14
CA ILE A 308 -8.76 28.79 5.21
C ILE A 308 -9.53 28.85 6.53
N GLY A 309 -9.93 30.06 6.89
CA GLY A 309 -10.65 30.28 8.13
C GLY A 309 -11.95 29.52 8.28
N VAL A 310 -12.68 29.34 7.19
CA VAL A 310 -13.96 28.65 7.28
C VAL A 310 -13.97 27.21 6.77
N ARG A 311 -13.51 27.00 5.55
CA ARG A 311 -13.50 25.65 4.99
C ARG A 311 -12.42 24.77 5.59
N ASP A 312 -11.15 25.16 5.43
CA ASP A 312 -10.03 24.39 5.96
C ASP A 312 -10.07 24.14 7.47
N PHE A 313 -10.23 25.22 8.23
CA PHE A 313 -10.26 25.12 9.70
C PHE A 313 -11.61 24.75 10.31
N CYS A 314 -12.72 25.08 9.67
CA CYS A 314 -14.03 24.77 10.27
C CYS A 314 -14.91 23.64 9.72
N ASP A 315 -14.62 23.10 8.53
CA ASP A 315 -15.41 21.98 8.03
C ASP A 315 -15.18 20.79 8.98
N THR A 316 -16.24 20.03 9.29
CA THR A 316 -16.10 18.89 10.18
C THR A 316 -15.19 17.83 9.55
N GLN A 317 -15.23 17.74 8.23
CA GLN A 317 -14.44 16.78 7.46
C GLN A 317 -13.01 17.24 7.14
N ARG A 318 -12.57 18.32 7.79
CA ARG A 318 -11.22 18.83 7.58
C ARG A 318 -10.55 18.95 8.96
N TYR A 319 -9.95 20.10 9.26
CA TYR A 319 -9.29 20.28 10.55
C TYR A 319 -10.21 20.41 11.77
N ASN A 320 -11.50 20.69 11.52
CA ASN A 320 -12.54 20.76 12.54
C ASN A 320 -12.15 21.37 13.91
N ILE A 321 -11.68 22.62 13.91
CA ILE A 321 -11.25 23.28 15.14
C ILE A 321 -12.27 24.18 15.82
N LEU A 322 -13.48 24.24 15.25
CA LEU A 322 -14.56 25.10 15.75
C LEU A 322 -14.91 24.97 17.23
N GLU A 323 -15.15 23.74 17.68
CA GLU A 323 -15.51 23.50 19.08
C GLU A 323 -14.37 23.86 20.06
N GLU A 324 -13.14 23.57 19.66
CA GLU A 324 -11.97 23.87 20.48
C GLU A 324 -11.87 25.38 20.68
N VAL A 325 -12.01 26.15 19.60
CA VAL A 325 -11.93 27.61 19.68
C VAL A 325 -13.09 28.20 20.49
N GLY A 326 -14.26 27.61 20.34
CA GLY A 326 -15.43 28.08 21.08
C GLY A 326 -15.23 27.91 22.58
N ARG A 327 -14.74 26.74 22.97
CA ARG A 327 -14.48 26.43 24.36
C ARG A 327 -13.38 27.32 24.92
N ARG A 328 -12.39 27.63 24.10
CA ARG A 328 -11.29 28.51 24.52
C ARG A 328 -11.81 29.91 24.77
N MET A 329 -12.82 30.32 24.02
CA MET A 329 -13.44 31.64 24.17
C MET A 329 -14.42 31.64 25.34
N GLY A 330 -14.61 30.47 25.94
CA GLY A 330 -15.54 30.35 27.05
C GLY A 330 -16.98 30.56 26.62
N LEU A 331 -17.39 29.88 25.54
CA LEU A 331 -18.74 30.00 25.03
C LEU A 331 -19.59 28.81 25.38
N GLU A 332 -20.90 28.95 25.24
CA GLU A 332 -21.86 27.89 25.53
C GLU A 332 -21.89 26.91 24.37
N THR A 333 -20.79 26.19 24.20
CA THR A 333 -20.61 25.21 23.13
C THR A 333 -21.60 24.05 23.18
N HIS A 334 -22.45 24.06 24.20
CA HIS A 334 -23.45 23.01 24.39
C HIS A 334 -24.87 23.46 24.06
N THR A 335 -25.01 24.72 23.63
CA THR A 335 -26.30 25.29 23.28
C THR A 335 -26.23 26.00 21.93
N LEU A 336 -26.78 25.38 20.89
CA LEU A 336 -26.76 25.96 19.54
C LEU A 336 -27.35 27.36 19.42
N ALA A 337 -28.49 27.58 20.06
CA ALA A 337 -29.16 28.88 20.00
C ALA A 337 -28.32 30.05 20.52
N SER A 338 -27.24 29.76 21.23
CA SER A 338 -26.36 30.80 21.77
C SER A 338 -25.52 31.43 20.64
N LEU A 339 -25.50 30.75 19.50
CA LEU A 339 -24.76 31.19 18.31
C LEU A 339 -23.24 31.24 18.55
N TRP A 340 -22.75 30.32 19.37
CA TRP A 340 -21.33 30.26 19.68
C TRP A 340 -20.51 29.95 18.43
N LYS A 341 -21.10 29.16 17.54
CA LYS A 341 -20.45 28.81 16.29
C LYS A 341 -20.20 30.06 15.44
N ASP A 342 -21.16 30.99 15.45
CA ASP A 342 -21.03 32.22 14.68
C ASP A 342 -19.94 33.11 15.25
N ARG A 343 -19.84 33.14 16.57
CA ARG A 343 -18.82 33.95 17.23
C ARG A 343 -17.44 33.35 17.04
N ALA A 344 -17.35 32.02 17.07
CA ALA A 344 -16.09 31.33 16.92
C ALA A 344 -15.48 31.44 15.52
N VAL A 345 -16.27 31.10 14.50
CA VAL A 345 -15.77 31.16 13.13
C VAL A 345 -15.30 32.56 12.76
N THR A 346 -15.87 33.58 13.38
CA THR A 346 -15.46 34.94 13.06
C THR A 346 -14.07 35.26 13.61
N GLU A 347 -13.80 34.83 14.84
CA GLU A 347 -12.49 35.08 15.44
C GLU A 347 -11.39 34.32 14.68
N ILE A 348 -11.75 33.16 14.15
CA ILE A 348 -10.83 32.35 13.37
C ILE A 348 -10.55 33.08 12.05
N ASN A 349 -11.61 33.59 11.43
CA ASN A 349 -11.46 34.34 10.18
C ASN A 349 -10.56 35.54 10.42
N VAL A 350 -10.76 36.19 11.57
CA VAL A 350 -9.96 37.36 11.93
C VAL A 350 -8.51 36.96 12.14
N ALA A 351 -8.30 35.79 12.75
CA ALA A 351 -6.96 35.28 13.00
C ALA A 351 -6.20 35.11 11.68
N VAL A 352 -6.82 34.44 10.73
CA VAL A 352 -6.23 34.20 9.42
C VAL A 352 -5.81 35.49 8.76
N LEU A 353 -6.75 36.43 8.64
CA LEU A 353 -6.47 37.72 8.00
C LEU A 353 -5.34 38.46 8.73
N HIS A 354 -5.44 38.51 10.06
CA HIS A 354 -4.44 39.18 10.87
C HIS A 354 -3.06 38.56 10.67
N SER A 355 -3.01 37.23 10.64
CA SER A 355 -1.75 36.52 10.45
C SER A 355 -1.13 36.76 9.07
N PHE A 356 -1.91 36.64 8.02
CA PHE A 356 -1.39 36.86 6.67
C PHE A 356 -0.85 38.28 6.51
N GLN A 357 -1.49 39.25 7.16
CA GLN A 357 -1.04 40.64 7.07
C GLN A 357 0.25 40.90 7.87
N LYS A 358 0.29 40.37 9.08
CA LYS A 358 1.45 40.52 9.95
C LYS A 358 2.70 39.94 9.30
N GLN A 359 2.55 38.82 8.60
CA GLN A 359 3.66 38.17 7.93
C GLN A 359 3.86 38.58 6.49
N ASN A 360 3.21 39.68 6.11
CA ASN A 360 3.30 40.25 4.76
C ASN A 360 2.99 39.31 3.61
N VAL A 361 1.92 38.54 3.78
CA VAL A 361 1.49 37.60 2.77
C VAL A 361 0.12 38.02 2.23
N THR A 362 0.07 38.24 0.92
CA THR A 362 -1.15 38.65 0.23
C THR A 362 -2.37 37.79 0.58
N ILE A 363 -3.49 38.46 0.81
CA ILE A 363 -4.75 37.79 1.10
C ILE A 363 -5.87 38.82 1.03
N MET A 364 -7.08 38.37 0.71
CA MET A 364 -8.22 39.28 0.64
C MET A 364 -9.40 38.72 1.42
N ASP A 365 -10.03 39.58 2.20
CA ASP A 365 -11.20 39.16 2.98
C ASP A 365 -12.35 38.97 2.01
N HIS A 366 -13.37 38.24 2.44
CA HIS A 366 -14.51 37.97 1.57
C HIS A 366 -15.38 39.17 1.20
N HIS A 367 -15.49 40.16 2.09
CA HIS A 367 -16.31 41.34 1.78
C HIS A 367 -15.68 42.12 0.65
N THR A 368 -14.39 42.40 0.77
CA THR A 368 -13.67 43.14 -0.25
C THR A 368 -13.68 42.36 -1.57
N ALA A 369 -13.55 41.04 -1.48
CA ALA A 369 -13.55 40.19 -2.69
C ALA A 369 -14.89 40.26 -3.39
N SER A 370 -15.97 40.21 -2.60
CA SER A 370 -17.33 40.30 -3.13
C SER A 370 -17.56 41.62 -3.86
N GLU A 371 -17.19 42.73 -3.24
CA GLU A 371 -17.36 44.04 -3.85
C GLU A 371 -16.55 44.10 -5.13
N SER A 372 -15.35 43.53 -5.07
CA SER A 372 -14.44 43.46 -6.21
C SER A 372 -15.11 42.70 -7.37
N PHE A 373 -15.75 41.59 -7.06
CA PHE A 373 -16.40 40.80 -8.09
C PHE A 373 -17.61 41.52 -8.70
N MET A 374 -18.36 42.25 -7.88
CA MET A 374 -19.52 42.99 -8.36
C MET A 374 -19.06 44.02 -9.38
N LYS A 375 -17.96 44.69 -9.07
CA LYS A 375 -17.40 45.69 -9.97
C LYS A 375 -17.02 44.99 -11.27
N HIS A 376 -16.44 43.79 -11.16
CA HIS A 376 -16.03 43.03 -12.34
C HIS A 376 -17.22 42.68 -13.22
N MET A 377 -18.25 42.12 -12.59
CA MET A 377 -19.46 41.71 -13.29
C MET A 377 -20.01 42.89 -14.10
N GLN A 378 -20.00 44.06 -13.46
CA GLN A 378 -20.46 45.30 -14.06
C GLN A 378 -19.63 45.62 -15.30
N ASN A 379 -18.31 45.47 -15.19
CA ASN A 379 -17.39 45.73 -16.30
C ASN A 379 -17.61 44.77 -17.45
N GLU A 380 -17.91 43.51 -17.11
CA GLU A 380 -18.12 42.46 -18.09
C GLU A 380 -19.38 42.62 -18.93
N TYR A 381 -20.48 43.02 -18.29
CA TYR A 381 -21.73 43.24 -19.00
C TYR A 381 -21.55 44.45 -19.91
N ARG A 382 -20.85 45.46 -19.38
CA ARG A 382 -20.56 46.69 -20.10
C ARG A 382 -19.71 46.37 -21.32
N ALA A 383 -18.72 45.49 -21.15
CA ALA A 383 -17.81 45.12 -22.24
C ALA A 383 -18.27 44.04 -23.21
N ARG A 384 -18.94 43.00 -22.72
CA ARG A 384 -19.38 41.95 -23.64
C ARG A 384 -20.78 41.35 -23.45
N GLY A 385 -21.60 42.03 -22.66
CA GLY A 385 -22.98 41.60 -22.45
C GLY A 385 -23.21 40.37 -21.61
N GLY A 386 -22.35 40.14 -20.63
CA GLY A 386 -22.52 38.99 -19.77
C GLY A 386 -21.32 38.64 -18.94
N CYS A 387 -21.55 37.73 -17.99
CA CYS A 387 -20.52 37.25 -17.11
C CYS A 387 -21.03 35.94 -16.51
N PRO A 388 -20.54 34.81 -17.05
CA PRO A 388 -20.96 33.50 -16.54
C PRO A 388 -20.63 33.45 -15.04
N ALA A 389 -21.62 33.11 -14.23
CA ALA A 389 -21.42 33.09 -12.79
C ALA A 389 -22.21 31.99 -12.08
N ASP A 390 -21.56 31.35 -11.11
CA ASP A 390 -22.14 30.28 -10.33
C ASP A 390 -22.38 30.82 -8.93
N TRP A 391 -23.63 31.21 -8.66
CA TRP A 391 -24.04 31.77 -7.37
C TRP A 391 -23.60 30.89 -6.20
N ILE A 392 -23.89 29.59 -6.30
CA ILE A 392 -23.55 28.65 -5.24
C ILE A 392 -22.07 28.68 -4.89
N ALA A 393 -21.23 28.90 -5.90
CA ALA A 393 -19.80 28.94 -5.68
C ALA A 393 -19.29 30.33 -5.31
N LEU A 394 -19.94 31.36 -5.81
CA LEU A 394 -19.51 32.73 -5.56
C LEU A 394 -19.83 33.30 -4.19
N VAL A 395 -20.95 32.87 -3.62
CA VAL A 395 -21.32 33.37 -2.31
C VAL A 395 -20.45 32.75 -1.23
N PRO A 396 -19.72 33.58 -0.47
CA PRO A 396 -18.84 33.16 0.61
C PRO A 396 -19.52 32.19 1.58
N PRO A 397 -18.74 31.32 2.25
CA PRO A 397 -19.23 30.33 3.21
C PRO A 397 -19.74 30.90 4.53
N VAL A 398 -19.53 32.20 4.76
CA VAL A 398 -20.05 32.89 5.94
C VAL A 398 -20.57 34.25 5.49
N SER A 399 -21.44 34.83 6.31
CA SER A 399 -22.05 36.13 6.04
C SER A 399 -22.51 36.30 4.59
N GLY A 400 -23.31 35.34 4.13
CA GLY A 400 -23.82 35.36 2.77
C GLY A 400 -24.51 36.63 2.32
N SER A 401 -25.65 36.93 2.93
CA SER A 401 -26.40 38.12 2.55
C SER A 401 -25.79 39.46 2.97
N ILE A 402 -24.68 39.43 3.69
CA ILE A 402 -24.02 40.67 4.10
C ILE A 402 -23.18 41.14 2.93
N THR A 403 -22.89 40.22 2.01
CA THR A 403 -22.11 40.52 0.81
C THR A 403 -23.06 40.84 -0.34
N PRO A 404 -22.66 41.74 -1.25
CA PRO A 404 -23.51 42.11 -2.38
C PRO A 404 -23.81 40.97 -3.39
N VAL A 405 -22.88 40.04 -3.54
CA VAL A 405 -23.03 38.92 -4.47
C VAL A 405 -24.30 38.09 -4.24
N PHE A 406 -24.68 37.95 -2.97
CA PHE A 406 -25.87 37.19 -2.58
C PHE A 406 -27.14 37.73 -3.24
N HIS A 407 -27.24 39.05 -3.33
CA HIS A 407 -28.42 39.70 -3.89
C HIS A 407 -28.36 39.88 -5.41
N GLN A 408 -27.29 39.42 -6.03
CA GLN A 408 -27.14 39.52 -7.47
C GLN A 408 -27.63 38.28 -8.20
N GLU A 409 -28.55 38.45 -9.15
CA GLU A 409 -29.04 37.33 -9.93
C GLU A 409 -27.97 37.01 -10.95
N MET A 410 -27.70 35.72 -11.13
CA MET A 410 -26.65 35.29 -12.05
C MET A 410 -27.04 34.22 -13.05
N LEU A 411 -26.28 34.17 -14.13
CA LEU A 411 -26.48 33.20 -15.20
C LEU A 411 -25.21 32.36 -15.31
N ASN A 412 -25.38 31.04 -15.27
CA ASN A 412 -24.26 30.12 -15.34
C ASN A 412 -24.25 29.41 -16.69
N TYR A 413 -23.17 29.56 -17.43
CA TYR A 413 -23.04 28.92 -18.73
C TYR A 413 -21.58 28.71 -19.12
N VAL A 414 -21.36 27.72 -19.98
CA VAL A 414 -20.03 27.37 -20.42
C VAL A 414 -19.62 28.00 -21.74
N LEU A 415 -18.60 28.84 -21.69
CA LEU A 415 -18.08 29.48 -22.89
C LEU A 415 -16.81 28.75 -23.32
N SER A 416 -16.03 29.40 -24.19
CA SER A 416 -14.78 28.85 -24.67
C SER A 416 -13.88 30.02 -25.04
N PRO A 417 -12.61 30.00 -24.61
CA PRO A 417 -11.90 28.99 -23.81
C PRO A 417 -12.55 28.71 -22.45
N PHE A 418 -12.15 27.59 -21.83
CA PHE A 418 -12.74 27.20 -20.55
C PHE A 418 -11.84 26.22 -19.78
N TYR A 419 -11.95 26.24 -18.45
CA TYR A 419 -11.21 25.36 -17.57
C TYR A 419 -12.16 24.27 -17.08
N TYR A 420 -11.97 23.05 -17.58
CA TYR A 420 -12.81 21.93 -17.21
C TYR A 420 -12.21 21.09 -16.10
N TYR A 421 -13.05 20.25 -15.50
CA TYR A 421 -12.61 19.30 -14.49
C TYR A 421 -12.23 18.07 -15.31
N GLN A 422 -11.50 17.14 -14.69
CA GLN A 422 -11.11 15.92 -15.38
C GLN A 422 -11.46 14.75 -14.46
N ILE A 423 -11.64 13.57 -15.04
CA ILE A 423 -11.92 12.38 -14.25
C ILE A 423 -10.64 12.09 -13.46
N GLU A 424 -10.77 11.66 -12.21
CA GLU A 424 -9.62 11.33 -11.37
C GLU A 424 -8.68 10.46 -12.21
N PRO A 425 -7.41 10.88 -12.35
CA PRO A 425 -6.43 10.13 -13.14
C PRO A 425 -6.19 8.68 -12.72
N TRP A 426 -6.24 8.40 -11.42
CA TRP A 426 -6.05 7.04 -10.93
C TRP A 426 -7.21 6.10 -11.30
N LYS A 427 -8.29 6.68 -11.79
CA LYS A 427 -9.46 5.90 -12.17
C LYS A 427 -9.43 5.43 -13.61
N THR A 428 -8.70 6.15 -14.47
CA THR A 428 -8.64 5.79 -15.89
C THR A 428 -7.23 5.47 -16.40
N HIS A 429 -6.25 5.53 -15.52
CA HIS A 429 -4.87 5.27 -15.90
C HIS A 429 -4.56 3.78 -16.08
N ILE A 430 -3.78 3.47 -17.11
CA ILE A 430 -3.36 2.11 -17.39
C ILE A 430 -1.86 2.02 -17.03
N TRP A 431 -1.57 1.34 -15.93
CA TRP A 431 -0.19 1.19 -15.45
C TRP A 431 0.76 0.42 -16.37
N GLN A 432 2.01 0.89 -16.43
CA GLN A 432 3.05 0.26 -17.25
C GLN A 432 3.58 -0.96 -16.51
N ASN A 433 3.99 -0.75 -15.27
CA ASN A 433 4.55 -1.81 -14.42
C ASN A 433 4.22 -1.49 -12.96
N GLN B 12 29.69 -49.32 -1.70
CA GLN B 12 30.51 -48.89 -0.58
C GLN B 12 29.82 -47.86 0.31
N TYR B 13 30.09 -47.95 1.61
CA TYR B 13 29.52 -47.05 2.61
C TYR B 13 30.47 -45.91 2.99
N VAL B 14 29.93 -44.88 3.64
CA VAL B 14 30.70 -43.75 4.11
C VAL B 14 30.73 -43.90 5.63
N ARG B 15 31.93 -43.96 6.20
CA ARG B 15 32.11 -44.12 7.63
C ARG B 15 31.83 -42.81 8.39
N ILE B 16 30.94 -42.89 9.37
CA ILE B 16 30.56 -41.74 10.18
C ILE B 16 30.90 -42.01 11.64
N LYS B 17 31.46 -41.01 12.31
CA LYS B 17 31.85 -41.17 13.71
C LYS B 17 31.19 -40.22 14.70
N ASN B 18 30.90 -40.76 15.88
CA ASN B 18 30.31 -40.01 16.98
C ASN B 18 31.46 -39.83 17.97
N TRP B 19 32.07 -38.65 17.95
CA TRP B 19 33.20 -38.35 18.83
C TRP B 19 32.89 -38.36 20.31
N GLY B 20 31.62 -38.47 20.66
CA GLY B 20 31.22 -38.51 22.05
C GLY B 20 31.33 -39.92 22.59
N SER B 21 30.66 -40.85 21.92
CA SER B 21 30.65 -42.26 22.32
C SER B 21 31.68 -43.15 21.64
N GLY B 22 32.31 -42.65 20.57
CA GLY B 22 33.31 -43.43 19.85
C GLY B 22 32.70 -44.36 18.82
N GLU B 23 31.37 -44.49 18.88
CA GLU B 23 30.60 -45.34 17.97
C GLU B 23 30.77 -44.98 16.50
N ILE B 24 30.72 -46.00 15.64
CA ILE B 24 30.87 -45.83 14.20
C ILE B 24 29.63 -46.35 13.47
N LEU B 25 29.26 -45.65 12.40
CA LEU B 25 28.11 -46.03 11.59
C LEU B 25 28.52 -46.02 10.13
N HIS B 26 27.87 -46.86 9.34
CA HIS B 26 28.16 -46.97 7.91
C HIS B 26 26.97 -46.46 7.11
N ASP B 27 27.17 -45.37 6.37
CA ASP B 27 26.07 -44.82 5.58
C ASP B 27 26.06 -45.36 4.15
N THR B 28 24.96 -46.01 3.80
CA THR B 28 24.79 -46.57 2.47
C THR B 28 23.60 -45.88 1.81
N LEU B 29 22.67 -45.41 2.64
CA LEU B 29 21.45 -44.75 2.17
C LEU B 29 21.68 -43.56 1.25
N HIS B 30 22.81 -42.87 1.42
CA HIS B 30 23.12 -41.71 0.58
C HIS B 30 23.14 -42.00 -0.92
N HIS B 31 23.23 -43.27 -1.29
CA HIS B 31 23.23 -43.66 -2.69
C HIS B 31 21.87 -43.46 -3.33
N LYS B 32 20.82 -43.55 -2.51
CA LYS B 32 19.45 -43.39 -2.98
C LYS B 32 19.15 -41.92 -3.27
N ALA B 33 20.08 -41.05 -2.89
CA ALA B 33 19.93 -39.62 -3.08
C ALA B 33 20.03 -39.19 -4.54
N THR B 34 19.40 -38.07 -4.86
CA THR B 34 19.41 -37.54 -6.21
C THR B 34 19.31 -36.01 -6.16
N CYS B 45 31.30 -25.16 -1.37
CA CYS B 45 30.61 -25.55 -0.15
C CYS B 45 29.53 -24.53 0.19
N LEU B 46 28.28 -24.85 -0.16
CA LEU B 46 27.13 -23.99 0.08
C LEU B 46 26.25 -24.51 1.21
N GLY B 47 26.88 -24.95 2.31
CA GLY B 47 26.15 -25.50 3.44
C GLY B 47 25.55 -24.50 4.43
N SER B 48 26.16 -23.32 4.53
CA SER B 48 25.69 -22.28 5.45
C SER B 48 24.58 -21.40 4.85
N ILE B 49 24.37 -21.51 3.54
CA ILE B 49 23.34 -20.73 2.85
C ILE B 49 21.95 -21.11 3.36
N MET B 50 21.16 -20.10 3.74
CA MET B 50 19.82 -20.29 4.29
C MET B 50 18.89 -21.20 3.48
N ASN B 51 18.36 -20.70 2.36
CA ASN B 51 17.46 -21.49 1.53
C ASN B 51 18.04 -21.59 0.12
N PRO B 52 19.01 -22.49 -0.09
CA PRO B 52 19.65 -22.69 -1.40
C PRO B 52 18.71 -23.18 -2.48
N LYS B 53 19.10 -22.98 -3.73
CA LYS B 53 18.31 -23.37 -4.88
C LYS B 53 18.19 -24.89 -4.99
N SER B 54 19.19 -25.61 -4.50
CA SER B 54 19.18 -27.07 -4.54
C SER B 54 18.04 -27.64 -3.71
N LEU B 55 17.59 -26.88 -2.72
CA LEU B 55 16.50 -27.31 -1.85
C LEU B 55 15.20 -26.56 -2.17
N THR B 56 15.18 -25.86 -3.30
CA THR B 56 14.01 -25.10 -3.71
C THR B 56 13.39 -25.63 -5.00
N ARG B 57 12.09 -25.91 -4.95
CA ARG B 57 11.36 -26.40 -6.12
C ARG B 57 10.46 -25.25 -6.57
N GLY B 58 10.90 -24.56 -7.63
CA GLY B 58 10.16 -23.42 -8.15
C GLY B 58 8.89 -23.70 -8.93
N PRO B 59 8.29 -22.63 -9.49
CA PRO B 59 7.05 -22.69 -10.28
C PRO B 59 7.19 -23.32 -11.66
N ARG B 60 6.05 -23.61 -12.28
CA ARG B 60 5.99 -24.21 -13.61
C ARG B 60 4.85 -23.59 -14.43
N ASP B 61 5.00 -23.55 -15.74
CA ASP B 61 3.97 -23.01 -16.63
C ASP B 61 3.36 -24.13 -17.50
N LYS B 62 3.96 -25.32 -17.38
CA LYS B 62 3.50 -26.49 -18.11
C LYS B 62 3.73 -27.69 -17.19
N PRO B 63 2.97 -28.78 -17.37
CA PRO B 63 3.10 -29.98 -16.55
C PRO B 63 4.48 -30.61 -16.62
N THR B 64 4.81 -31.45 -15.63
CA THR B 64 6.08 -32.14 -15.58
C THR B 64 6.20 -33.12 -16.74
N PRO B 65 7.33 -33.09 -17.48
CA PRO B 65 7.57 -33.98 -18.62
C PRO B 65 7.46 -35.46 -18.27
N LEU B 66 6.97 -36.25 -19.21
CA LEU B 66 6.78 -37.69 -19.08
C LEU B 66 8.00 -38.48 -18.61
N GLU B 67 9.08 -38.43 -19.40
CA GLU B 67 10.30 -39.18 -19.09
C GLU B 67 10.98 -38.74 -17.78
N GLU B 68 10.43 -37.71 -17.16
CA GLU B 68 10.93 -37.20 -15.89
C GLU B 68 9.99 -37.70 -14.80
N LEU B 69 8.69 -37.53 -15.03
CA LEU B 69 7.63 -37.93 -14.09
C LEU B 69 7.54 -39.44 -13.88
N LEU B 70 7.36 -40.17 -14.97
CA LEU B 70 7.22 -41.63 -14.94
C LEU B 70 8.27 -42.39 -14.13
N PRO B 71 9.57 -42.10 -14.32
CA PRO B 71 10.60 -42.80 -13.56
C PRO B 71 10.53 -42.52 -12.05
N HIS B 72 10.09 -41.31 -11.70
CA HIS B 72 9.94 -40.92 -10.31
C HIS B 72 8.74 -41.62 -9.67
N ALA B 73 7.67 -41.76 -10.45
CA ALA B 73 6.44 -42.41 -9.99
C ALA B 73 6.68 -43.89 -9.70
N ILE B 74 7.38 -44.55 -10.62
CA ILE B 74 7.69 -45.97 -10.48
C ILE B 74 8.54 -46.19 -9.24
N GLU B 75 9.51 -45.29 -9.02
CA GLU B 75 10.40 -45.36 -7.86
C GLU B 75 9.57 -45.28 -6.58
N PHE B 76 8.62 -44.36 -6.54
CA PHE B 76 7.77 -44.19 -5.37
C PHE B 76 6.89 -45.41 -5.09
N ILE B 77 6.28 -45.96 -6.15
CA ILE B 77 5.42 -47.13 -5.99
C ILE B 77 6.26 -48.28 -5.44
N ASN B 78 7.51 -48.40 -5.90
CA ASN B 78 8.40 -49.45 -5.42
C ASN B 78 8.74 -49.22 -3.95
N GLN B 79 8.86 -47.96 -3.56
CA GLN B 79 9.17 -47.59 -2.18
C GLN B 79 7.98 -47.94 -1.29
N TYR B 80 6.80 -47.54 -1.75
CA TYR B 80 5.54 -47.78 -1.03
C TYR B 80 5.29 -49.25 -0.76
N TYR B 81 5.29 -50.05 -1.82
CA TYR B 81 5.05 -51.49 -1.67
C TYR B 81 6.21 -52.20 -0.99
N GLY B 82 7.40 -51.59 -1.06
CA GLY B 82 8.57 -52.17 -0.43
C GLY B 82 8.60 -51.97 1.07
N SER B 83 7.67 -51.17 1.59
CA SER B 83 7.61 -50.88 3.02
C SER B 83 6.78 -51.87 3.84
N PHE B 84 5.89 -52.63 3.19
CA PHE B 84 5.07 -53.62 3.88
C PHE B 84 5.92 -54.77 4.38
N LYS B 85 5.70 -55.20 5.63
CA LYS B 85 6.46 -56.31 6.20
C LYS B 85 6.01 -57.62 5.53
N GLU B 86 4.80 -57.60 4.99
CA GLU B 86 4.22 -58.75 4.29
C GLU B 86 4.00 -58.31 2.85
N ALA B 87 5.00 -58.57 2.01
CA ALA B 87 4.95 -58.19 0.59
C ALA B 87 3.65 -58.56 -0.13
N LYS B 88 3.19 -57.63 -0.96
CA LYS B 88 1.98 -57.81 -1.75
C LYS B 88 2.38 -57.70 -3.22
N ILE B 89 3.21 -58.65 -3.65
CA ILE B 89 3.74 -58.70 -5.02
C ILE B 89 2.72 -58.42 -6.13
N GLU B 90 1.58 -59.09 -6.08
CA GLU B 90 0.53 -58.93 -7.08
C GLU B 90 -0.05 -57.52 -7.15
N GLU B 91 -0.34 -56.93 -5.99
CA GLU B 91 -0.90 -55.58 -5.93
C GLU B 91 0.16 -54.56 -6.34
N HIS B 92 1.42 -54.86 -6.01
CA HIS B 92 2.57 -54.04 -6.33
C HIS B 92 2.68 -53.87 -7.85
N LEU B 93 2.72 -55.00 -8.56
CA LEU B 93 2.83 -54.99 -10.02
C LEU B 93 1.62 -54.33 -10.68
N ALA B 94 0.43 -54.66 -10.19
CA ALA B 94 -0.80 -54.10 -10.74
C ALA B 94 -0.81 -52.58 -10.63
N ARG B 95 -0.36 -52.07 -9.48
CA ARG B 95 -0.31 -50.64 -9.25
C ARG B 95 0.74 -50.03 -10.16
N LEU B 96 1.89 -50.71 -10.28
CA LEU B 96 2.97 -50.25 -11.14
C LEU B 96 2.48 -50.06 -12.56
N GLU B 97 1.71 -51.04 -13.03
CA GLU B 97 1.15 -51.00 -14.38
C GLU B 97 0.06 -49.92 -14.52
N ALA B 98 -0.83 -49.85 -13.53
CA ALA B 98 -1.91 -48.87 -13.52
C ALA B 98 -1.41 -47.43 -13.56
N VAL B 99 -0.43 -47.11 -12.72
CA VAL B 99 0.15 -45.77 -12.66
C VAL B 99 0.88 -45.45 -13.97
N THR B 100 1.69 -46.40 -14.45
CA THR B 100 2.43 -46.23 -15.69
C THR B 100 1.49 -45.88 -16.85
N LYS B 101 0.38 -46.60 -16.94
CA LYS B 101 -0.60 -46.38 -18.00
C LYS B 101 -1.32 -45.05 -17.83
N GLU B 102 -1.67 -44.75 -16.58
CA GLU B 102 -2.36 -43.50 -16.28
C GLU B 102 -1.51 -42.28 -16.65
N ILE B 103 -0.21 -42.35 -16.37
CA ILE B 103 0.72 -41.26 -16.69
C ILE B 103 0.87 -41.05 -18.19
N GLU B 104 1.01 -42.14 -18.93
CA GLU B 104 1.16 -42.08 -20.37
C GLU B 104 -0.11 -41.58 -21.08
N THR B 105 -1.27 -41.90 -20.52
CA THR B 105 -2.54 -41.49 -21.10
C THR B 105 -3.04 -40.12 -20.66
N THR B 106 -2.82 -39.76 -19.40
CA THR B 106 -3.29 -38.47 -18.89
C THR B 106 -2.20 -37.42 -18.66
N GLY B 107 -0.95 -37.87 -18.56
CA GLY B 107 0.16 -36.95 -18.35
C GLY B 107 0.58 -36.84 -16.90
N THR B 108 -0.28 -37.29 -15.99
CA THR B 108 -0.02 -37.25 -14.55
C THR B 108 -0.73 -38.44 -13.91
N TYR B 109 -0.81 -38.44 -12.59
CA TYR B 109 -1.49 -39.51 -11.88
C TYR B 109 -1.94 -39.11 -10.49
N GLN B 110 -2.81 -39.92 -9.91
CA GLN B 110 -3.35 -39.68 -8.57
C GLN B 110 -2.87 -40.74 -7.60
N LEU B 111 -2.53 -40.30 -6.39
CA LEU B 111 -2.08 -41.21 -5.34
C LEU B 111 -3.27 -41.71 -4.54
N THR B 112 -3.11 -42.87 -3.93
CA THR B 112 -4.18 -43.42 -3.09
C THR B 112 -4.02 -42.69 -1.75
N LEU B 113 -5.06 -42.67 -0.93
CA LEU B 113 -4.96 -42.01 0.37
C LEU B 113 -3.82 -42.63 1.16
N ASP B 114 -3.72 -43.95 1.10
CA ASP B 114 -2.67 -44.66 1.83
C ASP B 114 -1.26 -44.33 1.31
N GLU B 115 -1.14 -44.08 0.01
CA GLU B 115 0.15 -43.71 -0.59
C GLU B 115 0.56 -42.32 -0.12
N LEU B 116 -0.42 -41.42 -0.06
CA LEU B 116 -0.21 -40.05 0.38
C LEU B 116 0.26 -40.04 1.83
N ILE B 117 -0.47 -40.75 2.68
CA ILE B 117 -0.15 -40.86 4.10
C ILE B 117 1.29 -41.32 4.28
N PHE B 118 1.65 -42.39 3.58
CA PHE B 118 2.99 -42.96 3.63
C PHE B 118 4.02 -41.91 3.19
N ALA B 119 3.68 -41.17 2.14
CA ALA B 119 4.54 -40.14 1.57
C ALA B 119 4.83 -39.00 2.56
N THR B 120 3.81 -38.52 3.26
CA THR B 120 3.98 -37.42 4.22
C THR B 120 4.92 -37.81 5.36
N LYS B 121 4.82 -39.05 5.81
CA LYS B 121 5.69 -39.53 6.89
C LYS B 121 7.12 -39.72 6.39
N MET B 122 7.28 -40.29 5.19
CA MET B 122 8.61 -40.49 4.61
C MET B 122 9.27 -39.13 4.36
N ALA B 123 8.49 -38.18 3.84
CA ALA B 123 8.99 -36.84 3.57
C ALA B 123 9.49 -36.22 4.86
N TRP B 124 8.79 -36.49 5.95
CA TRP B 124 9.17 -35.97 7.27
C TRP B 124 10.46 -36.69 7.68
N ARG B 125 10.45 -38.01 7.55
CA ARG B 125 11.59 -38.87 7.89
C ARG B 125 12.83 -38.43 7.11
N ASN B 126 12.60 -37.93 5.89
CA ASN B 126 13.67 -37.47 5.00
C ASN B 126 14.00 -35.97 5.14
N ALA B 127 13.49 -35.32 6.18
CA ALA B 127 13.75 -33.89 6.40
C ALA B 127 15.04 -33.73 7.20
N PRO B 128 16.14 -33.36 6.52
CA PRO B 128 17.44 -33.19 7.17
C PRO B 128 17.57 -32.13 8.25
N ARG B 129 16.69 -31.13 8.23
CA ARG B 129 16.76 -30.06 9.22
C ARG B 129 15.87 -30.26 10.45
N CYS B 130 15.17 -31.39 10.50
CA CYS B 130 14.27 -31.67 11.62
C CYS B 130 14.85 -32.54 12.73
N ILE B 131 14.89 -31.99 13.95
CA ILE B 131 15.41 -32.70 15.10
C ILE B 131 14.35 -33.59 15.77
N GLY B 132 13.08 -33.40 15.39
CA GLY B 132 12.01 -34.17 15.98
C GLY B 132 11.60 -35.41 15.23
N ARG B 133 12.44 -35.87 14.31
CA ARG B 133 12.15 -37.04 13.49
C ARG B 133 11.86 -38.40 14.13
N ILE B 134 12.10 -38.55 15.43
CA ILE B 134 11.78 -39.83 16.06
C ILE B 134 10.26 -40.04 16.03
N GLN B 135 9.53 -38.94 15.87
CA GLN B 135 8.07 -38.92 15.81
C GLN B 135 7.50 -39.11 14.41
N TRP B 136 8.38 -39.30 13.42
CA TRP B 136 7.99 -39.41 12.02
C TRP B 136 6.78 -40.29 11.66
N SER B 137 6.55 -41.37 12.38
CA SER B 137 5.42 -42.23 12.05
C SER B 137 4.11 -41.80 12.71
N ASN B 138 4.19 -40.84 13.62
CA ASN B 138 3.02 -40.34 14.35
C ASN B 138 2.59 -38.99 13.74
N LEU B 139 1.71 -39.05 12.74
CA LEU B 139 1.24 -37.86 12.04
C LEU B 139 -0.16 -38.00 11.45
N GLN B 140 -1.04 -37.08 11.82
CA GLN B 140 -2.40 -37.07 11.30
C GLN B 140 -2.38 -36.41 9.91
N VAL B 141 -3.04 -37.04 8.95
CA VAL B 141 -3.10 -36.53 7.59
C VAL B 141 -4.49 -36.08 7.19
N PHE B 142 -4.62 -34.82 6.80
CA PHE B 142 -5.90 -34.29 6.36
C PHE B 142 -5.83 -34.19 4.84
N ASP B 143 -6.67 -34.99 4.17
CA ASP B 143 -6.71 -35.01 2.72
C ASP B 143 -7.69 -33.96 2.19
N ALA B 144 -7.13 -32.86 1.69
CA ALA B 144 -7.93 -31.77 1.14
C ALA B 144 -7.63 -31.59 -0.35
N ARG B 145 -7.29 -32.69 -1.02
CA ARG B 145 -6.99 -32.65 -2.45
C ARG B 145 -8.21 -32.35 -3.31
N ASN B 146 -9.39 -32.36 -2.69
CA ASN B 146 -10.64 -32.08 -3.39
C ASN B 146 -11.08 -30.63 -3.18
N CYS B 147 -10.22 -29.84 -2.53
CA CYS B 147 -10.46 -28.44 -2.25
C CYS B 147 -10.53 -27.64 -3.54
N SER B 148 -11.17 -26.48 -3.52
CA SER B 148 -11.25 -25.67 -4.73
C SER B 148 -11.34 -24.16 -4.53
N THR B 149 -11.88 -23.72 -3.40
CA THR B 149 -11.98 -22.28 -3.14
C THR B 149 -11.12 -21.84 -1.96
N ALA B 150 -10.80 -20.56 -1.92
CA ALA B 150 -10.00 -19.99 -0.84
C ALA B 150 -10.73 -20.17 0.49
N GLN B 151 -12.05 -20.00 0.48
CA GLN B 151 -12.87 -20.17 1.67
C GLN B 151 -12.73 -21.61 2.17
N GLU B 152 -12.63 -22.56 1.23
CA GLU B 152 -12.48 -23.97 1.57
C GLU B 152 -11.12 -24.24 2.21
N MET B 153 -10.07 -23.59 1.69
CA MET B 153 -8.72 -23.75 2.23
C MET B 153 -8.75 -23.27 3.67
N PHE B 154 -9.35 -22.11 3.86
CA PHE B 154 -9.47 -21.49 5.17
C PHE B 154 -10.13 -22.44 6.16
N GLN B 155 -11.17 -23.12 5.70
CA GLN B 155 -11.88 -24.05 6.57
C GLN B 155 -11.03 -25.26 6.95
N HIS B 156 -10.23 -25.74 6.00
CA HIS B 156 -9.35 -26.89 6.24
C HIS B 156 -8.25 -26.49 7.20
N ILE B 157 -7.70 -25.30 6.99
CA ILE B 157 -6.64 -24.78 7.83
C ILE B 157 -7.14 -24.60 9.27
N CYS B 158 -8.37 -24.14 9.43
CA CYS B 158 -8.95 -23.95 10.75
C CYS B 158 -9.09 -25.30 11.46
N ARG B 159 -9.56 -26.30 10.72
CA ARG B 159 -9.74 -27.65 11.27
C ARG B 159 -8.38 -28.19 11.73
N HIS B 160 -7.36 -27.97 10.91
CA HIS B 160 -6.01 -28.42 11.20
C HIS B 160 -5.52 -27.78 12.49
N ILE B 161 -5.59 -26.45 12.55
CA ILE B 161 -5.15 -25.71 13.74
C ILE B 161 -5.86 -26.20 14.99
N LEU B 162 -7.16 -26.45 14.87
CA LEU B 162 -7.95 -26.92 16.00
C LEU B 162 -7.50 -28.30 16.47
N TYR B 163 -7.36 -29.22 15.52
CA TYR B 163 -6.94 -30.58 15.84
C TYR B 163 -5.55 -30.63 16.47
N ALA B 164 -4.60 -29.96 15.82
CA ALA B 164 -3.22 -29.92 16.26
C ALA B 164 -3.03 -29.31 17.63
N THR B 165 -3.72 -28.20 17.89
CA THR B 165 -3.63 -27.51 19.18
C THR B 165 -4.15 -28.40 20.29
N ASN B 166 -5.36 -28.94 20.09
CA ASN B 166 -5.99 -29.86 21.04
C ASN B 166 -5.86 -29.41 22.51
N ASN B 167 -6.11 -28.13 22.74
CA ASN B 167 -6.07 -27.55 24.08
C ASN B 167 -4.74 -27.68 24.84
N GLY B 168 -3.63 -27.53 24.10
CA GLY B 168 -2.32 -27.64 24.74
C GLY B 168 -1.62 -28.98 24.57
N ASN B 169 -2.39 -30.03 24.31
CA ASN B 169 -1.82 -31.36 24.10
C ASN B 169 -1.58 -31.46 22.59
N ILE B 170 -0.51 -30.80 22.14
CA ILE B 170 -0.16 -30.73 20.73
C ILE B 170 -0.04 -32.07 19.99
N ARG B 171 -0.64 -32.12 18.80
CA ARG B 171 -0.62 -33.30 17.95
C ARG B 171 -0.09 -32.89 16.56
N SER B 172 0.89 -33.64 16.06
CA SER B 172 1.49 -33.37 14.76
C SER B 172 0.46 -33.67 13.67
N ALA B 173 0.37 -32.79 12.69
CA ALA B 173 -0.59 -32.97 11.60
C ALA B 173 -0.14 -32.30 10.32
N ILE B 174 -0.80 -32.64 9.22
CA ILE B 174 -0.51 -32.06 7.92
C ILE B 174 -1.76 -32.09 7.06
N THR B 175 -1.95 -31.03 6.28
CA THR B 175 -3.08 -30.92 5.38
C THR B 175 -2.56 -30.87 3.95
N VAL B 176 -3.02 -31.80 3.13
CA VAL B 176 -2.58 -31.85 1.74
C VAL B 176 -3.62 -31.27 0.79
N PHE B 177 -3.27 -30.16 0.16
CA PHE B 177 -4.16 -29.51 -0.80
C PHE B 177 -3.90 -30.08 -2.20
N PRO B 178 -4.73 -29.75 -3.20
CA PRO B 178 -4.52 -30.28 -4.56
C PRO B 178 -3.10 -30.18 -5.11
N GLN B 179 -2.66 -31.24 -5.77
CA GLN B 179 -1.33 -31.28 -6.36
C GLN B 179 -1.25 -30.35 -7.56
N ARG B 180 -0.05 -29.87 -7.85
CA ARG B 180 0.18 -28.99 -8.98
C ARG B 180 -0.21 -29.71 -10.27
N SER B 181 -0.94 -29.02 -11.13
CA SER B 181 -1.35 -29.60 -12.41
C SER B 181 -0.47 -29.07 -13.54
N ASP B 182 -0.74 -27.86 -13.99
CA ASP B 182 0.04 -27.24 -15.06
C ASP B 182 0.93 -26.13 -14.54
N GLY B 183 0.84 -25.88 -13.24
CA GLY B 183 1.65 -24.84 -12.64
C GLY B 183 0.98 -23.49 -12.71
N LYS B 184 -0.22 -23.45 -13.28
CA LYS B 184 -0.97 -22.20 -13.39
C LYS B 184 -2.11 -22.16 -12.39
N HIS B 185 -2.41 -23.31 -11.79
CA HIS B 185 -3.50 -23.43 -10.82
C HIS B 185 -3.03 -23.88 -9.45
N ASP B 186 -1.89 -23.36 -9.01
CA ASP B 186 -1.32 -23.73 -7.71
C ASP B 186 -2.07 -23.24 -6.49
N PHE B 187 -2.10 -24.08 -5.47
CA PHE B 187 -2.72 -23.70 -4.20
C PHE B 187 -1.50 -23.27 -3.40
N ARG B 188 -1.58 -22.09 -2.78
CA ARG B 188 -0.45 -21.59 -2.01
C ARG B 188 -0.87 -20.84 -0.77
N LEU B 189 -0.09 -21.04 0.30
CA LEU B 189 -0.28 -20.33 1.54
C LEU B 189 0.88 -19.35 1.48
N TRP B 190 0.56 -18.05 1.45
CA TRP B 190 1.61 -17.05 1.36
C TRP B 190 2.36 -16.86 2.67
N ASN B 191 1.72 -17.24 3.78
CA ASN B 191 2.34 -17.12 5.10
C ASN B 191 3.50 -18.11 5.22
N SER B 192 4.49 -17.76 6.04
CA SER B 192 5.62 -18.65 6.24
C SER B 192 5.17 -19.74 7.21
N GLN B 193 4.42 -19.33 8.22
CA GLN B 193 3.89 -20.23 9.23
C GLN B 193 2.41 -19.95 9.39
N LEU B 194 1.67 -20.92 9.94
CA LEU B 194 0.24 -20.76 10.16
C LEU B 194 -0.03 -19.64 11.17
N ILE B 195 0.69 -19.68 12.30
CA ILE B 195 0.55 -18.66 13.35
C ILE B 195 1.85 -17.87 13.35
N ARG B 196 1.74 -16.54 13.37
CA ARG B 196 2.90 -15.66 13.35
C ARG B 196 2.45 -14.24 13.70
N TYR B 197 3.27 -13.53 14.46
CA TYR B 197 2.92 -12.17 14.86
C TYR B 197 3.33 -11.12 13.84
N ALA B 198 2.55 -10.04 13.81
CA ALA B 198 2.82 -8.95 12.88
C ALA B 198 3.86 -8.01 13.43
N GLY B 199 4.48 -7.27 12.52
CA GLY B 199 5.50 -6.29 12.87
C GLY B 199 5.15 -4.97 12.20
N TYR B 200 5.16 -3.89 12.98
CA TYR B 200 4.82 -2.57 12.46
C TYR B 200 5.92 -1.55 12.61
N GLN B 201 6.07 -0.73 11.58
CA GLN B 201 7.05 0.36 11.58
C GLN B 201 6.24 1.55 12.11
N MET B 202 6.39 1.85 13.39
CA MET B 202 5.65 2.95 14.01
C MET B 202 6.06 4.33 13.52
N PRO B 203 5.18 5.33 13.73
CA PRO B 203 5.42 6.73 13.33
C PRO B 203 6.71 7.29 13.93
N ASP B 204 6.94 7.02 15.22
CA ASP B 204 8.13 7.52 15.92
C ASP B 204 9.44 6.82 15.50
N GLY B 205 9.35 5.99 14.47
CA GLY B 205 10.53 5.29 13.97
C GLY B 205 10.82 3.93 14.60
N THR B 206 10.20 3.65 15.74
CA THR B 206 10.42 2.37 16.41
C THR B 206 9.66 1.24 15.74
N ILE B 207 10.16 0.02 15.91
CA ILE B 207 9.53 -1.17 15.35
C ILE B 207 8.73 -1.83 16.46
N ARG B 208 7.50 -2.21 16.16
CA ARG B 208 6.64 -2.87 17.14
C ARG B 208 6.29 -4.27 16.68
N GLY B 209 6.27 -5.20 17.63
CA GLY B 209 5.95 -6.57 17.30
C GLY B 209 7.15 -7.29 16.71
N ASP B 210 6.90 -8.16 15.73
CA ASP B 210 7.95 -8.94 15.12
C ASP B 210 8.63 -8.25 13.93
N ALA B 211 9.83 -7.73 14.16
CA ALA B 211 10.60 -7.05 13.13
C ALA B 211 10.83 -7.86 11.85
N ALA B 212 10.79 -9.19 11.94
CA ALA B 212 11.02 -10.04 10.76
C ALA B 212 9.86 -10.11 9.77
N THR B 213 8.67 -9.73 10.23
CA THR B 213 7.47 -9.78 9.36
C THR B 213 6.97 -8.39 8.93
N LEU B 214 7.88 -7.42 8.86
CA LEU B 214 7.52 -6.06 8.45
C LEU B 214 6.87 -6.04 7.06
N GLU B 215 7.55 -6.60 6.08
CA GLU B 215 7.07 -6.65 4.71
C GLU B 215 5.76 -7.40 4.54
N PHE B 216 5.69 -8.61 5.11
CA PHE B 216 4.49 -9.42 4.99
C PHE B 216 3.28 -8.78 5.66
N THR B 217 3.50 -8.11 6.78
CA THR B 217 2.42 -7.44 7.50
C THR B 217 1.85 -6.36 6.57
N GLN B 218 2.76 -5.61 5.95
CA GLN B 218 2.39 -4.56 5.02
C GLN B 218 1.54 -5.15 3.88
N LEU B 219 1.98 -6.29 3.35
CA LEU B 219 1.27 -6.96 2.27
C LEU B 219 -0.17 -7.26 2.71
N CYS B 220 -0.34 -7.69 3.96
CA CYS B 220 -1.66 -7.99 4.49
C CYS B 220 -2.51 -6.72 4.54
N ILE B 221 -1.87 -5.62 4.93
CA ILE B 221 -2.54 -4.32 5.02
C ILE B 221 -2.94 -3.84 3.63
N ASP B 222 -2.10 -4.12 2.64
CA ASP B 222 -2.38 -3.74 1.27
C ASP B 222 -3.58 -4.53 0.75
N LEU B 223 -3.76 -5.73 1.29
CA LEU B 223 -4.86 -6.60 0.87
C LEU B 223 -6.16 -6.43 1.65
N GLY B 224 -6.19 -5.45 2.55
CA GLY B 224 -7.40 -5.19 3.33
C GLY B 224 -7.44 -5.52 4.80
N TRP B 225 -6.36 -6.09 5.34
CA TRP B 225 -6.31 -6.44 6.74
C TRP B 225 -6.14 -5.20 7.62
N LYS B 226 -6.85 -5.14 8.74
CA LYS B 226 -6.74 -4.00 9.64
C LYS B 226 -5.67 -4.19 10.70
N PRO B 227 -4.61 -3.37 10.65
CA PRO B 227 -3.48 -3.41 11.59
C PRO B 227 -3.91 -2.99 13.00
N ARG B 228 -3.73 -3.89 13.97
CA ARG B 228 -4.10 -3.59 15.35
C ARG B 228 -2.99 -2.90 16.12
N TYR B 229 -1.84 -2.75 15.47
CA TYR B 229 -0.68 -2.09 16.06
C TYR B 229 -0.20 -2.54 17.45
N GLY B 230 -0.39 -3.82 17.75
CA GLY B 230 0.06 -4.37 19.02
C GLY B 230 1.38 -5.09 18.81
N ARG B 231 1.99 -5.59 19.88
CA ARG B 231 3.25 -6.29 19.72
C ARG B 231 3.08 -7.80 19.51
N PHE B 232 1.85 -8.28 19.66
CA PHE B 232 1.56 -9.70 19.46
C PHE B 232 0.25 -9.91 18.69
N ASP B 233 0.17 -9.33 17.50
CA ASP B 233 -1.03 -9.48 16.67
C ASP B 233 -0.86 -10.64 15.72
N VAL B 234 -1.75 -11.62 15.82
CA VAL B 234 -1.71 -12.77 14.95
C VAL B 234 -2.03 -12.33 13.53
N LEU B 235 -1.10 -12.61 12.62
CA LEU B 235 -1.24 -12.28 11.22
C LEU B 235 -2.37 -13.09 10.60
N PRO B 236 -2.98 -12.57 9.53
CA PRO B 236 -4.07 -13.31 8.89
C PRO B 236 -3.52 -14.32 7.88
N LEU B 237 -4.35 -15.29 7.49
CA LEU B 237 -3.97 -16.26 6.49
C LEU B 237 -4.17 -15.58 5.12
N VAL B 238 -3.20 -15.75 4.24
CA VAL B 238 -3.25 -15.18 2.89
C VAL B 238 -3.28 -16.42 2.00
N LEU B 239 -4.48 -16.78 1.57
CA LEU B 239 -4.70 -17.97 0.78
C LEU B 239 -4.92 -17.82 -0.73
N GLN B 240 -4.09 -18.53 -1.48
CA GLN B 240 -4.16 -18.56 -2.93
C GLN B 240 -4.74 -19.92 -3.34
N ALA B 241 -5.92 -19.89 -3.96
CA ALA B 241 -6.56 -21.14 -4.40
C ALA B 241 -6.67 -21.22 -5.92
N ASP B 242 -6.33 -22.38 -6.47
CA ASP B 242 -6.41 -22.65 -7.90
C ASP B 242 -5.74 -21.57 -8.77
N GLY B 243 -4.52 -21.17 -8.39
CA GLY B 243 -3.77 -20.18 -9.14
C GLY B 243 -4.30 -18.76 -9.14
N GLN B 244 -5.37 -18.52 -8.39
CA GLN B 244 -5.99 -17.21 -8.32
C GLN B 244 -5.34 -16.29 -7.28
N ASP B 245 -5.64 -15.00 -7.37
CA ASP B 245 -5.11 -14.00 -6.44
C ASP B 245 -5.35 -14.45 -5.01
N PRO B 246 -4.44 -14.10 -4.09
CA PRO B 246 -4.58 -14.48 -2.68
C PRO B 246 -5.67 -13.71 -1.93
N GLU B 247 -6.37 -14.42 -1.05
CA GLU B 247 -7.43 -13.81 -0.25
C GLU B 247 -7.07 -13.84 1.23
N VAL B 248 -7.37 -12.75 1.91
CA VAL B 248 -7.07 -12.61 3.33
C VAL B 248 -8.18 -13.17 4.22
N PHE B 249 -7.79 -13.93 5.23
CA PHE B 249 -8.71 -14.54 6.19
C PHE B 249 -8.14 -14.43 7.59
N GLU B 250 -8.80 -13.68 8.47
CA GLU B 250 -8.33 -13.54 9.83
C GLU B 250 -8.58 -14.83 10.59
N ILE B 251 -7.58 -15.31 11.31
CA ILE B 251 -7.70 -16.53 12.08
C ILE B 251 -8.58 -16.33 13.32
N PRO B 252 -9.64 -17.14 13.46
CA PRO B 252 -10.56 -17.06 14.61
C PRO B 252 -9.74 -17.16 15.89
N PRO B 253 -9.68 -16.06 16.67
CA PRO B 253 -8.94 -15.97 17.92
C PRO B 253 -9.05 -17.17 18.87
N ASP B 254 -10.21 -17.80 18.90
CA ASP B 254 -10.41 -18.96 19.77
C ASP B 254 -9.46 -20.11 19.39
N LEU B 255 -9.09 -20.17 18.11
CA LEU B 255 -8.20 -21.24 17.63
C LEU B 255 -6.72 -21.00 17.89
N VAL B 256 -6.35 -19.82 18.35
CA VAL B 256 -4.95 -19.53 18.61
C VAL B 256 -4.60 -19.61 20.09
N LEU B 257 -3.97 -20.70 20.49
CA LEU B 257 -3.58 -20.88 21.88
C LEU B 257 -2.25 -20.17 22.13
N GLU B 258 -2.20 -19.42 23.22
CA GLU B 258 -1.01 -18.68 23.58
C GLU B 258 -0.56 -19.00 25.01
N VAL B 259 0.72 -18.78 25.27
CA VAL B 259 1.32 -19.02 26.58
C VAL B 259 1.91 -17.71 27.10
N THR B 260 1.56 -17.35 28.32
CA THR B 260 2.10 -16.12 28.90
C THR B 260 3.44 -16.44 29.57
N MET B 261 4.42 -15.56 29.36
CA MET B 261 5.76 -15.78 29.91
C MET B 261 5.99 -15.34 31.35
N GLU B 262 6.38 -16.32 32.16
CA GLU B 262 6.68 -16.11 33.58
C GLU B 262 7.95 -16.86 33.91
N HIS B 263 8.66 -16.40 34.93
CA HIS B 263 9.88 -17.06 35.37
C HIS B 263 9.55 -17.68 36.73
N PRO B 264 10.07 -18.89 37.00
CA PRO B 264 9.81 -19.56 38.28
C PRO B 264 10.39 -18.86 39.52
N LYS B 265 11.34 -17.95 39.30
CA LYS B 265 11.96 -17.23 40.41
C LYS B 265 11.77 -15.72 40.30
N TYR B 266 11.97 -15.18 39.10
CA TYR B 266 11.85 -13.75 38.85
C TYR B 266 10.40 -13.31 38.65
N GLU B 267 9.84 -12.64 39.66
CA GLU B 267 8.47 -12.15 39.57
C GLU B 267 8.36 -11.03 38.54
N TRP B 268 9.47 -10.35 38.27
CA TRP B 268 9.48 -9.27 37.29
C TRP B 268 9.44 -9.74 35.85
N PHE B 269 9.66 -11.03 35.62
CA PHE B 269 9.67 -11.53 34.24
C PHE B 269 8.36 -11.29 33.52
N GLN B 270 7.22 -11.55 34.17
CA GLN B 270 5.94 -11.31 33.52
C GLN B 270 5.67 -9.83 33.24
N GLU B 271 6.40 -8.95 33.93
CA GLU B 271 6.26 -7.51 33.71
C GLU B 271 6.78 -7.16 32.33
N LEU B 272 7.59 -8.04 31.76
CA LEU B 272 8.12 -7.83 30.41
C LEU B 272 6.95 -7.91 29.43
N GLY B 273 5.88 -8.57 29.86
CA GLY B 273 4.69 -8.72 29.06
C GLY B 273 4.84 -9.56 27.80
N LEU B 274 5.64 -10.62 27.86
CA LEU B 274 5.86 -11.46 26.70
C LEU B 274 4.95 -12.68 26.66
N LYS B 275 4.70 -13.18 25.46
CA LYS B 275 3.88 -14.37 25.29
C LYS B 275 4.20 -14.96 23.92
N TRP B 276 3.73 -16.18 23.67
CA TRP B 276 3.97 -16.79 22.38
C TRP B 276 2.94 -17.85 22.07
N TYR B 277 2.74 -18.12 20.78
CA TYR B 277 1.79 -19.12 20.35
C TYR B 277 2.31 -20.56 20.58
N ALA B 278 1.39 -21.45 20.90
CA ALA B 278 1.72 -22.83 21.18
C ALA B 278 1.93 -23.70 19.94
N LEU B 279 1.45 -23.23 18.81
CA LEU B 279 1.54 -24.03 17.60
C LEU B 279 2.54 -23.62 16.51
N PRO B 280 3.61 -24.43 16.34
CA PRO B 280 4.69 -24.25 15.35
C PRO B 280 4.26 -24.98 14.08
N ALA B 281 3.88 -24.21 13.06
CA ALA B 281 3.41 -24.81 11.83
C ALA B 281 3.97 -24.19 10.55
N VAL B 282 4.67 -25.00 9.77
CA VAL B 282 5.27 -24.55 8.52
C VAL B 282 4.19 -24.51 7.46
N ALA B 283 3.95 -23.33 6.89
CA ALA B 283 2.89 -23.18 5.92
C ALA B 283 3.28 -23.09 4.46
N ASN B 284 4.52 -22.71 4.19
CA ASN B 284 4.99 -22.47 2.83
C ASN B 284 5.85 -23.49 2.06
N MET B 285 5.96 -24.72 2.55
CA MET B 285 6.79 -25.69 1.83
C MET B 285 6.06 -26.56 0.82
N LEU B 286 6.81 -27.15 -0.10
CA LEU B 286 6.24 -27.99 -1.15
C LEU B 286 6.56 -29.47 -0.94
N LEU B 287 5.54 -30.31 -0.98
CA LEU B 287 5.72 -31.75 -0.83
C LEU B 287 5.92 -32.42 -2.19
N GLU B 288 7.09 -33.03 -2.36
CA GLU B 288 7.42 -33.76 -3.58
C GLU B 288 7.33 -35.25 -3.27
N VAL B 289 6.57 -35.96 -4.09
CA VAL B 289 6.42 -37.40 -3.94
C VAL B 289 6.24 -38.01 -5.30
N GLY B 290 7.11 -38.96 -5.63
CA GLY B 290 7.06 -39.65 -6.91
C GLY B 290 6.82 -38.80 -8.14
N GLY B 291 7.46 -37.63 -8.20
CA GLY B 291 7.29 -36.77 -9.36
C GLY B 291 6.20 -35.73 -9.21
N LEU B 292 5.22 -36.01 -8.34
CA LEU B 292 4.12 -35.08 -8.10
C LEU B 292 4.57 -33.98 -7.13
N GLU B 293 3.98 -32.80 -7.27
CA GLU B 293 4.32 -31.67 -6.41
C GLU B 293 3.07 -31.10 -5.75
N PHE B 294 3.15 -30.87 -4.44
CA PHE B 294 2.03 -30.30 -3.69
C PHE B 294 2.49 -28.94 -3.14
N PRO B 295 2.18 -27.86 -3.86
CA PRO B 295 2.54 -26.48 -3.47
C PRO B 295 1.99 -25.99 -2.14
N ALA B 296 0.93 -26.63 -1.66
CA ALA B 296 0.34 -26.24 -0.38
C ALA B 296 0.12 -27.48 0.48
N CYS B 297 0.86 -27.56 1.58
CA CYS B 297 0.79 -28.69 2.49
C CYS B 297 1.31 -28.26 3.86
N PRO B 298 0.53 -27.48 4.61
CA PRO B 298 0.95 -27.03 5.93
C PRO B 298 1.02 -28.17 6.94
N PHE B 299 2.08 -28.16 7.74
CA PHE B 299 2.28 -29.19 8.76
C PHE B 299 2.81 -28.57 10.04
N ASN B 300 2.67 -29.32 11.14
CA ASN B 300 3.14 -28.87 12.43
C ASN B 300 3.53 -30.04 13.34
N GLY B 301 4.22 -29.68 14.42
CA GLY B 301 4.63 -30.62 15.45
C GLY B 301 4.50 -29.79 16.71
N TRP B 302 5.42 -29.94 17.65
CA TRP B 302 5.38 -29.11 18.85
C TRP B 302 6.68 -28.34 18.94
N TYR B 303 6.70 -27.34 19.80
CA TYR B 303 7.85 -26.48 19.96
C TYR B 303 9.04 -27.06 20.72
N MET B 304 10.23 -26.56 20.37
CA MET B 304 11.44 -26.91 21.09
C MET B 304 11.77 -25.56 21.71
N GLY B 305 11.81 -25.53 23.04
CA GLY B 305 12.06 -24.31 23.80
C GLY B 305 12.94 -23.22 23.21
N THR B 306 14.11 -23.61 22.74
CA THR B 306 15.06 -22.67 22.18
C THR B 306 14.55 -21.89 20.97
N GLU B 307 13.54 -22.43 20.29
CA GLU B 307 12.99 -21.73 19.13
C GLU B 307 12.40 -20.39 19.58
N ILE B 308 11.70 -20.42 20.71
CA ILE B 308 11.06 -19.26 21.28
C ILE B 308 12.04 -18.50 22.18
N GLY B 309 12.55 -19.19 23.19
CA GLY B 309 13.48 -18.59 24.12
C GLY B 309 14.74 -17.98 23.52
N VAL B 310 15.28 -18.63 22.50
CA VAL B 310 16.52 -18.14 21.90
C VAL B 310 16.39 -17.34 20.60
N ARG B 311 15.74 -17.92 19.60
CA ARG B 311 15.59 -17.24 18.31
C ARG B 311 14.57 -16.10 18.35
N ASP B 312 13.31 -16.41 18.67
CA ASP B 312 12.26 -15.38 18.74
C ASP B 312 12.58 -14.23 19.69
N PHE B 313 12.85 -14.57 20.96
CA PHE B 313 13.14 -13.56 21.98
C PHE B 313 14.54 -12.92 21.95
N CYS B 314 15.57 -13.66 21.54
CA CYS B 314 16.93 -13.10 21.56
C CYS B 314 17.61 -12.65 20.27
N ASP B 315 17.15 -13.10 19.11
CA ASP B 315 17.77 -12.64 17.85
C ASP B 315 17.65 -11.13 17.82
N THR B 316 18.73 -10.43 17.46
CA THR B 316 18.70 -8.97 17.41
C THR B 316 17.63 -8.47 16.44
N GLN B 317 17.43 -9.21 15.34
CA GLN B 317 16.46 -8.87 14.32
C GLN B 317 15.02 -9.32 14.61
N ARG B 318 14.76 -9.80 15.82
CA ARG B 318 13.41 -10.24 16.20
C ARG B 318 12.90 -9.42 17.39
N TYR B 319 12.58 -10.07 18.51
CA TYR B 319 12.08 -9.36 19.68
C TYR B 319 13.18 -8.71 20.54
N ASN B 320 14.43 -9.08 20.28
CA ASN B 320 15.62 -8.52 20.92
C ASN B 320 15.52 -8.12 22.41
N ILE B 321 15.02 -9.03 23.25
CA ILE B 321 14.86 -8.74 24.68
C ILE B 321 16.09 -8.98 25.57
N LEU B 322 17.17 -9.52 25.00
CA LEU B 322 18.37 -9.86 25.75
C LEU B 322 18.95 -8.82 26.70
N GLU B 323 19.17 -7.60 26.21
CA GLU B 323 19.74 -6.58 27.08
C GLU B 323 18.85 -6.18 28.25
N GLU B 324 17.53 -6.09 28.02
CA GLU B 324 16.63 -5.71 29.09
C GLU B 324 16.56 -6.77 30.19
N VAL B 325 16.59 -8.03 29.79
CA VAL B 325 16.56 -9.12 30.75
C VAL B 325 17.85 -9.11 31.54
N GLY B 326 18.97 -8.85 30.84
CA GLY B 326 20.26 -8.79 31.49
C GLY B 326 20.30 -7.68 32.52
N ARG B 327 19.72 -6.54 32.17
CA ARG B 327 19.66 -5.37 33.04
C ARG B 327 18.82 -5.62 34.28
N ARG B 328 17.69 -6.30 34.12
CA ARG B 328 16.81 -6.60 35.24
C ARG B 328 17.38 -7.68 36.15
N MET B 329 18.41 -8.38 35.67
CA MET B 329 19.06 -9.41 36.45
C MET B 329 20.25 -8.79 37.20
N GLY B 330 20.51 -7.51 36.92
CA GLY B 330 21.60 -6.80 37.57
C GLY B 330 22.97 -7.29 37.16
N LEU B 331 23.14 -7.60 35.87
CA LEU B 331 24.40 -8.09 35.34
C LEU B 331 25.20 -6.97 34.70
N GLU B 332 26.45 -7.25 34.36
CA GLU B 332 27.33 -6.27 33.71
C GLU B 332 27.09 -6.28 32.20
N THR B 333 25.98 -5.69 31.78
CA THR B 333 25.61 -5.64 30.35
C THR B 333 26.53 -4.73 29.53
N HIS B 334 27.52 -4.15 30.20
CA HIS B 334 28.47 -3.25 29.57
C HIS B 334 29.82 -3.94 29.30
N THR B 335 29.98 -5.15 29.85
CA THR B 335 31.20 -5.91 29.69
C THR B 335 30.90 -7.30 29.12
N LEU B 336 31.18 -7.50 27.85
CA LEU B 336 30.93 -8.77 27.18
C LEU B 336 31.60 -9.95 27.86
N ALA B 337 32.85 -9.76 28.27
CA ALA B 337 33.63 -10.81 28.92
C ALA B 337 32.97 -11.35 30.19
N SER B 338 31.99 -10.63 30.72
CA SER B 338 31.30 -11.07 31.94
C SER B 338 30.34 -12.21 31.66
N LEU B 339 30.08 -12.47 30.38
CA LEU B 339 29.17 -13.54 29.94
C LEU B 339 27.71 -13.32 30.40
N TRP B 340 27.31 -12.07 30.53
CA TRP B 340 25.95 -11.74 30.97
C TRP B 340 24.91 -12.30 30.00
N LYS B 341 25.24 -12.29 28.71
CA LYS B 341 24.33 -12.80 27.68
C LYS B 341 24.04 -14.28 27.87
N ASP B 342 25.08 -15.04 28.26
CA ASP B 342 24.93 -16.47 28.50
C ASP B 342 23.98 -16.71 29.68
N ARG B 343 24.13 -15.91 30.73
CA ARG B 343 23.29 -16.04 31.91
C ARG B 343 21.85 -15.60 31.65
N ALA B 344 21.67 -14.57 30.83
CA ALA B 344 20.33 -14.08 30.52
C ALA B 344 19.53 -15.03 29.64
N VAL B 345 20.13 -15.45 28.53
CA VAL B 345 19.47 -16.36 27.60
C VAL B 345 19.02 -17.65 28.28
N THR B 346 19.80 -18.11 29.27
CA THR B 346 19.43 -19.33 29.97
C THR B 346 18.16 -19.11 30.80
N GLU B 347 18.07 -17.95 31.45
CA GLU B 347 16.89 -17.65 32.25
C GLU B 347 15.63 -17.52 31.37
N ILE B 348 15.80 -16.96 30.18
CA ILE B 348 14.70 -16.79 29.23
C ILE B 348 14.25 -18.20 28.79
N ASN B 349 15.21 -19.09 28.55
CA ASN B 349 14.91 -20.46 28.16
C ASN B 349 14.15 -21.15 29.29
N VAL B 350 14.56 -20.88 30.53
CA VAL B 350 13.90 -21.47 31.69
C VAL B 350 12.48 -20.93 31.80
N ALA B 351 12.30 -19.63 31.53
CA ALA B 351 10.98 -19.00 31.60
C ALA B 351 10.05 -19.63 30.58
N VAL B 352 10.55 -19.80 29.36
CA VAL B 352 9.78 -20.40 28.27
C VAL B 352 9.32 -21.81 28.63
N LEU B 353 10.25 -22.67 29.06
CA LEU B 353 9.94 -24.04 29.44
C LEU B 353 8.96 -24.12 30.60
N HIS B 354 9.24 -23.33 31.65
CA HIS B 354 8.40 -23.28 32.83
C HIS B 354 6.97 -22.83 32.50
N SER B 355 6.86 -21.84 31.60
CA SER B 355 5.55 -21.31 31.20
C SER B 355 4.69 -22.31 30.44
N PHE B 356 5.26 -22.97 29.42
CA PHE B 356 4.52 -23.96 28.66
C PHE B 356 4.08 -25.08 29.58
N GLN B 357 4.99 -25.45 30.49
CA GLN B 357 4.73 -26.51 31.46
C GLN B 357 3.58 -26.16 32.39
N LYS B 358 3.63 -24.95 32.94
CA LYS B 358 2.61 -24.49 33.87
C LYS B 358 1.24 -24.41 33.22
N GLN B 359 1.19 -23.98 31.96
CA GLN B 359 -0.08 -23.86 31.26
C GLN B 359 -0.48 -25.11 30.47
N ASN B 360 0.16 -26.23 30.80
CA ASN B 360 -0.10 -27.53 30.18
C ASN B 360 -0.02 -27.60 28.66
N VAL B 361 0.96 -26.91 28.10
CA VAL B 361 1.17 -26.90 26.65
C VAL B 361 2.43 -27.69 26.32
N THR B 362 2.30 -28.62 25.39
CA THR B 362 3.43 -29.46 25.00
C THR B 362 4.63 -28.66 24.53
N ILE B 363 5.80 -29.05 25.02
CA ILE B 363 7.07 -28.44 24.65
C ILE B 363 8.22 -29.35 25.08
N MET B 364 9.33 -29.30 24.35
CA MET B 364 10.49 -30.11 24.69
C MET B 364 11.75 -29.26 24.72
N ASP B 365 12.57 -29.45 25.75
CA ASP B 365 13.81 -28.70 25.89
C ASP B 365 14.80 -29.23 24.85
N HIS B 366 15.83 -28.45 24.57
CA HIS B 366 16.82 -28.83 23.57
C HIS B 366 17.68 -30.05 23.86
N HIS B 367 17.96 -30.31 25.15
CA HIS B 367 18.76 -31.48 25.55
C HIS B 367 17.99 -32.76 25.27
N THR B 368 16.77 -32.85 25.79
CA THR B 368 15.92 -34.03 25.59
C THR B 368 15.68 -34.27 24.11
N ALA B 369 15.58 -33.18 23.33
CA ALA B 369 15.36 -33.26 21.90
C ALA B 369 16.57 -33.86 21.20
N SER B 370 17.74 -33.39 21.58
CA SER B 370 19.00 -33.89 21.01
C SER B 370 19.14 -35.40 21.26
N GLU B 371 18.94 -35.82 22.49
CA GLU B 371 19.03 -37.23 22.85
C GLU B 371 18.03 -38.03 22.03
N SER B 372 16.83 -37.48 21.92
CA SER B 372 15.75 -38.08 21.15
C SER B 372 16.20 -38.29 19.69
N PHE B 373 16.79 -37.26 19.11
CA PHE B 373 17.26 -37.36 17.73
C PHE B 373 18.39 -38.36 17.59
N MET B 374 19.27 -38.44 18.60
CA MET B 374 20.39 -39.38 18.55
C MET B 374 19.85 -40.81 18.56
N LYS B 375 18.82 -41.06 19.35
CA LYS B 375 18.23 -42.39 19.39
C LYS B 375 17.62 -42.68 18.02
N HIS B 376 16.98 -41.67 17.44
CA HIS B 376 16.36 -41.82 16.13
C HIS B 376 17.38 -42.19 15.06
N MET B 377 18.54 -41.53 15.11
CA MET B 377 19.61 -41.81 14.16
C MET B 377 20.02 -43.27 14.21
N GLN B 378 20.22 -43.76 15.43
CA GLN B 378 20.59 -45.16 15.65
C GLN B 378 19.54 -46.04 14.99
N ASN B 379 18.27 -45.74 15.25
CA ASN B 379 17.16 -46.50 14.67
C ASN B 379 17.19 -46.49 13.14
N GLU B 380 17.55 -45.35 12.57
CA GLU B 380 17.59 -45.20 11.12
C GLU B 380 18.73 -45.95 10.41
N TYR B 381 19.92 -45.92 11.01
CA TYR B 381 21.07 -46.61 10.40
C TYR B 381 20.86 -48.13 10.46
N ARG B 382 20.15 -48.57 11.50
CA ARG B 382 19.83 -49.97 11.71
C ARG B 382 18.73 -50.40 10.72
N ALA B 383 17.74 -49.54 10.53
CA ALA B 383 16.61 -49.82 9.63
C ALA B 383 16.88 -49.69 8.13
N ARG B 384 17.59 -48.64 7.72
CA ARG B 384 17.89 -48.45 6.30
C ARG B 384 19.28 -47.93 5.96
N GLY B 385 20.20 -48.06 6.90
CA GLY B 385 21.57 -47.64 6.68
C GLY B 385 21.80 -46.16 6.39
N GLY B 386 21.13 -45.29 7.13
CA GLY B 386 21.31 -43.88 6.93
C GLY B 386 20.24 -42.97 7.47
N CYS B 387 20.61 -41.70 7.62
CA CYS B 387 19.72 -40.66 8.11
C CYS B 387 20.26 -39.32 7.65
N PRO B 388 19.62 -38.70 6.66
CA PRO B 388 20.08 -37.39 6.17
C PRO B 388 19.94 -36.35 7.28
N ALA B 389 21.03 -35.66 7.58
CA ALA B 389 21.02 -34.70 8.65
C ALA B 389 21.84 -33.47 8.32
N ASP B 390 21.33 -32.31 8.70
CA ASP B 390 21.99 -31.02 8.47
C ASP B 390 22.50 -30.56 9.83
N TRP B 391 23.79 -30.78 10.06
CA TRP B 391 24.42 -30.41 11.32
C TRP B 391 24.10 -28.96 11.70
N ILE B 392 24.36 -28.03 10.78
CA ILE B 392 24.11 -26.62 11.03
C ILE B 392 22.69 -26.35 11.54
N ALA B 393 21.73 -27.15 11.10
CA ALA B 393 20.35 -26.98 11.54
C ALA B 393 19.97 -27.78 12.78
N LEU B 394 20.54 -28.97 12.94
CA LEU B 394 20.18 -29.82 14.08
C LEU B 394 20.75 -29.40 15.42
N VAL B 395 21.93 -28.80 15.41
CA VAL B 395 22.54 -28.36 16.67
C VAL B 395 21.81 -27.12 17.18
N PRO B 396 21.29 -27.19 18.42
CA PRO B 396 20.56 -26.10 19.09
C PRO B 396 21.34 -24.79 19.10
N PRO B 397 20.62 -23.65 19.08
CA PRO B 397 21.20 -22.30 19.09
C PRO B 397 21.96 -21.92 20.36
N VAL B 398 21.86 -22.76 21.39
CA VAL B 398 22.59 -22.54 22.64
C VAL B 398 23.17 -23.87 23.10
N SER B 399 24.21 -23.79 23.93
CA SER B 399 24.89 -24.96 24.48
C SER B 399 25.11 -26.11 23.49
N GLY B 400 25.66 -25.76 22.32
CA GLY B 400 25.90 -26.73 21.28
C GLY B 400 26.65 -28.01 21.66
N SER B 401 27.91 -27.88 22.06
CA SER B 401 28.71 -29.06 22.42
C SER B 401 28.27 -29.79 23.67
N ILE B 402 27.36 -29.18 24.42
CA ILE B 402 26.83 -29.81 25.63
C ILE B 402 25.77 -30.83 25.21
N THR B 403 25.37 -30.79 23.94
CA THR B 403 24.37 -31.73 23.41
C THR B 403 25.09 -32.79 22.59
N PRO B 404 24.53 -34.01 22.53
CA PRO B 404 25.15 -35.09 21.77
C PRO B 404 25.24 -34.92 20.26
N VAL B 405 24.25 -34.25 19.66
CA VAL B 405 24.26 -34.05 18.22
C VAL B 405 25.47 -33.28 17.68
N PHE B 406 26.03 -32.41 18.50
CA PHE B 406 27.20 -31.63 18.12
C PHE B 406 28.40 -32.54 17.78
N HIS B 407 28.57 -33.62 18.55
CA HIS B 407 29.68 -34.54 18.36
C HIS B 407 29.42 -35.64 17.33
N GLN B 408 28.25 -35.61 16.71
CA GLN B 408 27.88 -36.60 15.72
C GLN B 408 28.18 -36.13 14.30
N GLU B 409 28.98 -36.89 13.56
CA GLU B 409 29.28 -36.54 12.18
C GLU B 409 28.04 -36.88 11.38
N MET B 410 27.66 -36.03 10.44
CA MET B 410 26.45 -36.30 9.67
C MET B 410 26.65 -36.13 8.17
N LEU B 411 25.73 -36.72 7.42
CA LEU B 411 25.73 -36.67 5.97
C LEU B 411 24.40 -36.05 5.53
N ASN B 412 24.49 -34.93 4.81
CA ASN B 412 23.29 -34.25 4.35
C ASN B 412 23.03 -34.56 2.89
N TYR B 413 21.83 -35.05 2.58
CA TYR B 413 21.45 -35.37 1.21
C TYR B 413 19.94 -35.39 1.04
N VAL B 414 19.52 -35.23 -0.20
CA VAL B 414 18.10 -35.19 -0.55
C VAL B 414 17.56 -36.51 -1.06
N LEU B 415 16.53 -37.02 -0.40
CA LEU B 415 15.89 -38.26 -0.80
C LEU B 415 14.52 -37.90 -1.40
N SER B 416 13.62 -38.86 -1.44
CA SER B 416 12.30 -38.61 -1.98
C SER B 416 11.37 -39.65 -1.39
N PRO B 417 10.17 -39.25 -0.94
CA PRO B 417 9.54 -37.92 -0.92
C PRO B 417 10.36 -36.90 -0.11
N PHE B 418 10.10 -35.62 -0.35
CA PHE B 418 10.85 -34.55 0.30
C PHE B 418 10.02 -33.26 0.44
N TYR B 419 10.31 -32.48 1.49
CA TYR B 419 9.65 -31.19 1.73
C TYR B 419 10.63 -30.12 1.25
N TYR B 420 10.32 -29.50 0.11
CA TYR B 420 11.16 -28.47 -0.47
C TYR B 420 10.71 -27.07 -0.13
N TYR B 421 11.64 -26.12 -0.29
CA TYR B 421 11.34 -24.71 -0.09
C TYR B 421 10.74 -24.27 -1.44
N GLN B 422 10.15 -23.08 -1.47
CA GLN B 422 9.56 -22.55 -2.72
C GLN B 422 9.98 -21.10 -2.88
N ILE B 423 9.88 -20.58 -4.09
CA ILE B 423 10.21 -19.18 -4.33
C ILE B 423 9.05 -18.40 -3.73
N GLU B 424 9.35 -17.26 -3.10
CA GLU B 424 8.31 -16.41 -2.50
C GLU B 424 7.21 -16.21 -3.54
N PRO B 425 5.96 -16.59 -3.21
CA PRO B 425 4.82 -16.46 -4.13
C PRO B 425 4.60 -15.07 -4.73
N TRP B 426 4.80 -14.03 -3.92
CA TRP B 426 4.63 -12.65 -4.40
C TRP B 426 5.65 -12.22 -5.45
N LYS B 427 6.70 -13.01 -5.61
CA LYS B 427 7.73 -12.69 -6.59
C LYS B 427 7.37 -13.23 -7.97
N THR B 428 6.65 -14.35 -8.02
CA THR B 428 6.29 -14.99 -9.28
C THR B 428 4.82 -14.92 -9.66
N HIS B 429 3.98 -14.44 -8.76
CA HIS B 429 2.56 -14.37 -9.04
C HIS B 429 2.16 -13.28 -10.04
N ILE B 430 1.29 -13.65 -10.97
CA ILE B 430 0.77 -12.74 -11.96
C ILE B 430 -0.65 -12.40 -11.52
N TRP B 431 -0.84 -11.18 -11.02
CA TRP B 431 -2.15 -10.74 -10.55
C TRP B 431 -3.19 -10.61 -11.67
N GLN B 432 -4.40 -11.07 -11.40
CA GLN B 432 -5.48 -10.99 -12.39
C GLN B 432 -6.07 -9.58 -12.46
N ASN B 433 -6.29 -8.96 -11.29
CA ASN B 433 -6.83 -7.61 -11.21
C ASN B 433 -6.82 -7.10 -9.77
C1 BOG C . -12.72 40.09 -39.02
O1 BOG C . -13.00 38.76 -39.49
C2 BOG C . -13.93 40.64 -38.26
O2 BOG C . -15.06 40.68 -39.12
C3 BOG C . -13.61 42.05 -37.76
O3 BOG C . -14.73 42.57 -37.05
C4 BOG C . -12.42 41.94 -36.83
O4 BOG C . -12.07 43.22 -36.33
C5 BOG C . -11.22 41.36 -37.61
O5 BOG C . -11.58 40.07 -38.12
C6 BOG C . -10.01 41.23 -36.69
O6 BOG C . -8.81 41.49 -37.40
C1' BOG C . -12.24 38.39 -40.66
C2' BOG C . -13.09 37.47 -41.51
C3' BOG C . -13.09 36.06 -40.96
C4' BOG C . -13.94 35.14 -41.80
C5' BOG C . -13.94 33.73 -41.25
C6' BOG C . -13.90 32.70 -42.37
C7' BOG C . -13.89 31.29 -41.81
C8' BOG C . -13.86 30.28 -42.93
CHA HEM D . -12.11 29.26 -8.08
CHB HEM D . -10.27 33.10 -5.74
CHC HEM D . -7.24 33.74 -9.35
CHD HEM D . -9.33 30.23 -11.83
C1A HEM D . -11.80 30.20 -7.08
C2A HEM D . -12.35 30.18 -5.76
C3A HEM D . -11.85 31.24 -5.08
C4A HEM D . -10.97 31.93 -6.01
CMA HEM D . -12.20 31.66 -3.64
CAA HEM D . -13.21 29.08 -5.19
CBA HEM D . -12.33 27.97 -4.65
CGA HEM D . -13.15 26.82 -4.11
O1A HEM D . -13.14 25.74 -4.73
O2A HEM D . -13.83 27.01 -3.08
C1B HEM D . -9.40 33.75 -6.60
C2B HEM D . -8.56 34.84 -6.20
C3B HEM D . -7.66 35.05 -7.20
C4B HEM D . -7.98 34.04 -8.22
CMB HEM D . -8.64 35.61 -4.90
CAB HEM D . -6.64 36.02 -7.11
CBB HEM D . -6.02 36.72 -8.12
C1C HEM D . -7.50 32.76 -10.31
C2C HEM D . -6.65 32.52 -11.44
C3C HEM D . -7.30 31.59 -12.20
C4C HEM D . -8.49 31.27 -11.47
CMC HEM D . -5.30 33.20 -11.63
CAC HEM D . -6.95 30.95 -13.38
CBC HEM D . -6.04 31.41 -14.34
C1D HEM D . -10.33 29.69 -11.06
C2D HEM D . -11.09 28.50 -11.40
C3D HEM D . -11.84 28.21 -10.33
C4D HEM D . -11.56 29.22 -9.35
CMD HEM D . -11.11 27.72 -12.69
CAD HEM D . -12.72 26.99 -10.14
CBD HEM D . -11.96 25.87 -9.46
CGD HEM D . -12.85 24.71 -9.06
O1D HEM D . -12.39 23.84 -8.30
O2D HEM D . -14.02 24.68 -9.48
NA HEM D . -10.95 31.25 -7.22
NB HEM D . -9.06 33.29 -7.85
NC HEM D . -8.58 31.98 -10.32
ND HEM D . -10.64 30.13 -9.84
FE HEM D . -10.01 31.85 -8.91
N1 HBI E . -18.56 27.21 -2.96
N2 HBI E . -16.66 28.44 -3.45
C2 HBI E . -17.22 27.28 -3.11
N3 HBI E . -16.43 26.22 -2.90
C4 HBI E . -16.95 25.03 -2.55
O4 HBI E . -16.25 24.02 -2.37
C4A HBI E . -18.34 24.89 -2.39
C8A HBI E . -19.14 26.06 -2.61
N8 HBI E . -20.49 26.00 -2.44
C7 HBI E . -21.10 24.82 -1.99
C6 HBI E . -20.36 23.58 -2.22
N5 HBI E . -18.90 23.70 -2.09
C9 HBI E . -20.92 22.22 -1.75
O9 HBI E . -21.05 22.24 -0.34
C10 HBI E . -22.29 21.93 -2.38
O10 HBI E . -22.17 21.92 -3.81
C11 HBI E . -22.85 20.60 -1.93
C1 EDO F . -7.57 41.59 11.52
O1 EDO F . -8.59 40.76 10.94
C2 EDO F . -6.60 41.97 10.40
O2 EDO F . -7.36 42.68 9.42
C1 GOL G . -8.62 39.48 -4.89
O1 GOL G . -9.18 38.76 -3.79
C2 GOL G . -9.42 39.16 -6.14
O2 GOL G . -8.63 38.96 -7.29
C3 GOL G . -10.35 40.22 -6.49
O3 GOL G . -9.69 41.41 -6.46
C1 BOG H . 9.64 -56.24 -5.39
O1 BOG H . 9.63 -55.43 -6.57
C2 BOG H . 11.02 -56.14 -4.72
O2 BOG H . 12.02 -56.59 -5.62
C3 BOG H . 11.03 -57.00 -3.46
O3 BOG H . 12.29 -56.91 -2.84
C4 BOG H . 9.94 -56.47 -2.53
O4 BOG H . 9.91 -57.24 -1.35
C5 BOG H . 8.58 -56.57 -3.24
O5 BOG H . 8.64 -55.79 -4.46
C6 BOG H . 7.49 -56.01 -2.34
O6 BOG H . 6.28 -55.89 -3.04
C1' BOG H . 9.19 -56.12 -7.73
C2' BOG H . 9.82 -55.44 -8.93
C3' BOG H . 8.88 -55.46 -10.13
C4' BOG H . 9.48 -54.79 -11.34
C5' BOG H . 8.52 -54.83 -12.52
C6' BOG H . 8.28 -56.25 -13.01
C7' BOG H . 7.31 -56.27 -14.18
C8' BOG H . 7.06 -57.68 -14.67
CHA HEM I . 12.40 -28.28 11.12
CHB HEM I . 11.19 -29.62 15.59
CHC HEM I . 7.65 -32.20 13.76
CHD HEM I . 9.05 -31.17 9.29
C1A HEM I . 12.29 -28.32 12.50
C2A HEM I . 13.05 -27.49 13.41
C3A HEM I . 12.73 -27.88 14.67
C4A HEM I . 11.76 -28.93 14.53
CMA HEM I . 13.27 -27.38 15.99
CAA HEM I . 13.91 -26.31 12.98
CBA HEM I . 13.05 -25.07 12.72
CGA HEM I . 13.86 -23.91 12.22
O1A HEM I . 13.52 -23.38 11.14
O2A HEM I . 14.84 -23.54 12.88
C1B HEM I . 10.22 -30.58 15.49
C2B HEM I . 9.56 -31.13 16.63
C3B HEM I . 8.53 -31.87 16.19
C4B HEM I . 8.58 -31.73 14.70
CMB HEM I . 9.98 -30.88 18.08
CAB HEM I . 7.72 -32.61 17.06
CBB HEM I . 6.76 -33.56 16.76
C1C HEM I . 7.65 -32.09 12.37
C2C HEM I . 6.63 -32.59 11.47
C3C HEM I . 7.07 -32.37 10.18
C4C HEM I . 8.34 -31.69 10.35
CMC HEM I . 5.31 -33.17 11.96
CAC HEM I . 6.50 -32.68 8.95
CBC HEM I . 5.39 -33.47 8.69
C1D HEM I . 10.17 -30.34 9.38
C2D HEM I . 10.82 -29.73 8.25
C3D HEM I . 11.73 -28.91 8.77
C4D HEM I . 11.66 -29.04 10.21
CMD HEM I . 10.55 -29.90 6.76
CAD HEM I . 12.59 -27.94 7.99
CBD HEM I . 11.97 -26.55 8.05
CGD HEM I . 12.84 -25.46 7.44
O1D HEM I . 12.40 -24.30 7.43
O2D HEM I . 13.96 -25.74 6.95
NA HEM I . 11.48 -29.16 13.21
NB HEM I . 9.63 -30.97 14.32
NC HEM I . 8.67 -31.53 11.67
ND HEM I . 10.70 -29.94 10.55
FE HEM I . 10.29 -30.64 12.47
N1 HBI J . 19.48 -23.82 12.56
N2 HBI J . 17.62 -24.98 13.30
C2 HBI J . 18.14 -23.91 12.70
N3 HBI J . 17.32 -22.95 12.27
C4 HBI J . 17.80 -21.85 11.66
O4 HBI J . 17.05 -20.95 11.23
C4A HBI J . 19.20 -21.70 11.48
C8A HBI J . 20.03 -22.76 11.97
N8 HBI J . 21.37 -22.67 11.87
C7 HBI J . 21.98 -21.54 11.33
C6 HBI J . 21.14 -20.72 10.46
N5 HBI J . 19.72 -20.64 10.84
C9 HBI J . 21.70 -19.44 9.81
O9 HBI J . 22.07 -18.53 10.84
C10 HBI J . 22.92 -19.75 8.94
O10 HBI J . 22.54 -20.68 7.91
C11 HBI J . 23.50 -18.50 8.30
C1 EDO K . 11.10 -35.50 19.45
O1 EDO K . 11.16 -35.96 20.82
C2 EDO K . 9.97 -34.47 19.33
O2 EDO K . 10.27 -33.41 20.23
#